data_2YZ8
# 
_entry.id   2YZ8 
# 
_audit_conform.dict_name       mmcif_pdbx.dic 
_audit_conform.dict_version    5.398 
_audit_conform.dict_location   http://mmcif.pdb.org/dictionaries/ascii/mmcif_pdbx.dic 
# 
loop_
_database_2.database_id 
_database_2.database_code 
_database_2.pdbx_database_accession 
_database_2.pdbx_DOI 
PDB   2YZ8         pdb_00002yz8 10.2210/pdb2yz8/pdb 
RCSB  RCSB027320   ?            ?                   
WWPDB D_1000027320 ?            ?                   
# 
loop_
_pdbx_audit_revision_history.ordinal 
_pdbx_audit_revision_history.data_content_type 
_pdbx_audit_revision_history.major_revision 
_pdbx_audit_revision_history.minor_revision 
_pdbx_audit_revision_history.revision_date 
1 'Structure model' 1 0 2008-05-06 
2 'Structure model' 1 1 2011-07-13 
3 'Structure model' 1 2 2024-04-03 
4 'Structure model' 1 3 2024-11-13 
# 
_pdbx_audit_revision_details.ordinal             1 
_pdbx_audit_revision_details.revision_ordinal    1 
_pdbx_audit_revision_details.data_content_type   'Structure model' 
_pdbx_audit_revision_details.provider            repository 
_pdbx_audit_revision_details.type                'Initial release' 
_pdbx_audit_revision_details.description         ? 
_pdbx_audit_revision_details.details             ? 
# 
loop_
_pdbx_audit_revision_group.ordinal 
_pdbx_audit_revision_group.revision_ordinal 
_pdbx_audit_revision_group.data_content_type 
_pdbx_audit_revision_group.group 
1 2 'Structure model' Advisory                    
2 2 'Structure model' 'Version format compliance' 
3 3 'Structure model' 'Data collection'           
4 3 'Structure model' 'Database references'       
5 3 'Structure model' 'Derived calculations'      
6 3 'Structure model' 'Refinement description'    
7 4 'Structure model' 'Structure summary'         
# 
loop_
_pdbx_audit_revision_category.ordinal 
_pdbx_audit_revision_category.revision_ordinal 
_pdbx_audit_revision_category.data_content_type 
_pdbx_audit_revision_category.category 
1 3 'Structure model' chem_comp_atom                
2 3 'Structure model' chem_comp_bond                
3 3 'Structure model' database_2                    
4 3 'Structure model' pdbx_initial_refinement_model 
5 3 'Structure model' struct_conn                   
6 3 'Structure model' struct_ref_seq_dif            
7 4 'Structure model' pdbx_entry_details            
8 4 'Structure model' pdbx_modification_feature     
# 
loop_
_pdbx_audit_revision_item.ordinal 
_pdbx_audit_revision_item.revision_ordinal 
_pdbx_audit_revision_item.data_content_type 
_pdbx_audit_revision_item.item 
1 3 'Structure model' '_database_2.pdbx_DOI'                
2 3 'Structure model' '_database_2.pdbx_database_accession' 
3 3 'Structure model' '_struct_conn.pdbx_leaving_atom_flag' 
4 3 'Structure model' '_struct_ref_seq_dif.details'         
# 
_pdbx_database_status.status_code                     REL 
_pdbx_database_status.entry_id                        2YZ8 
_pdbx_database_status.recvd_initial_deposition_date   2007-05-04 
_pdbx_database_status.deposit_site                    PDBJ 
_pdbx_database_status.process_site                    PDBJ 
_pdbx_database_status.status_code_sf                  REL 
_pdbx_database_status.status_code_mr                  ? 
_pdbx_database_status.SG_entry                        Y 
_pdbx_database_status.pdb_format_compatible           Y 
_pdbx_database_status.status_code_cs                  ? 
_pdbx_database_status.status_code_nmr_data            ? 
_pdbx_database_status.methods_development_category    ? 
# 
loop_
_pdbx_database_related.db_name 
_pdbx_database_related.db_id 
_pdbx_database_related.details 
_pdbx_database_related.content_type 
PDB      2E7B            'identical domain, solved with NMR.' unspecified 
TargetDB hsk002001528.15 .                                    unspecified 
# 
loop_
_audit_author.name 
_audit_author.pdbx_ordinal 
'Saijo, S.'                                              1  
'Ohsawa, N.'                                             2  
'Nishino, A.'                                            3  
'Kishishita, S.'                                         4  
'Chen, L.'                                               5  
'Fu, Z.Q.'                                               6  
'Chrzas, J.'                                             7  
'Wang, B.C.'                                             8  
'Shirouzu, M.'                                           9  
'Yokoyama, S.'                                           10 
'RIKEN Structural Genomics/Proteomics Initiative (RSGI)' 11 
# 
_citation.id                        primary 
_citation.title                     'Crystal structure of the 32th Ig-like domain of human obscurin (KIAA1556)' 
_citation.journal_abbrev            'To be Published' 
_citation.journal_volume            ? 
_citation.page_first                ? 
_citation.page_last                 ? 
_citation.year                      ? 
_citation.journal_id_ASTM           ? 
_citation.country                   ? 
_citation.journal_id_ISSN           ? 
_citation.journal_id_CSD            0353 
_citation.book_publisher            ? 
_citation.pdbx_database_id_PubMed   ? 
_citation.pdbx_database_id_DOI      ? 
# 
loop_
_citation_author.citation_id 
_citation_author.name 
_citation_author.ordinal 
_citation_author.identifier_ORCID 
primary 'Saijo, S.'      1  ? 
primary 'Ohsawa, N.'     2  ? 
primary 'Nishino, A.'    3  ? 
primary 'Kishishita, S.' 4  ? 
primary 'Chen, L.'       5  ? 
primary 'Fu, Z.Q.'       6  ? 
primary 'Chrzas, J.'     7  ? 
primary 'Wang, B.C.'     8  ? 
primary 'Shirouzu, M.'   9  ? 
primary 'Yokoyama, S.'   10 ? 
# 
loop_
_entity.id 
_entity.type 
_entity.src_method 
_entity.pdbx_description 
_entity.formula_weight 
_entity.pdbx_number_of_molecules 
_entity.pdbx_ec 
_entity.pdbx_mutation 
_entity.pdbx_fragment 
_entity.details 
1 polymer man Obscurin 10835.966 1  ? ? '32th Ig-like domain' ? 
2 water   nat water    18.015    39 ? ? ?                     ? 
# 
_entity_name_com.entity_id   1 
_entity_name_com.name        'Obscurin-myosin light chain kinase, Obscurin-MLCK, Obscurin-RhoGEF' 
# 
_entity_poly.entity_id                      1 
_entity_poly.type                           'polypeptide(L)' 
_entity_poly.nstd_linkage                   no 
_entity_poly.nstd_monomer                   yes 
_entity_poly.pdbx_seq_one_letter_code       
;GSSGSSGPVRFQEALKDLEVLEGGAATLRCVLSSVAAPVKWCYGNNVLRPGDKYSLRQEGA(MSE)LELVVRNLRPQDSG
RYSCSFGDQTTSATLTVTALPSGPSSG
;
_entity_poly.pdbx_seq_one_letter_code_can   
;GSSGSSGPVRFQEALKDLEVLEGGAATLRCVLSSVAAPVKWCYGNNVLRPGDKYSLRQEGAMLELVVRNLRPQDSGRYSC
SFGDQTTSATLTVTALPSGPSSG
;
_entity_poly.pdbx_strand_id                 A 
_entity_poly.pdbx_target_identifier         hsk002001528.15 
# 
_pdbx_entity_nonpoly.entity_id   2 
_pdbx_entity_nonpoly.name        water 
_pdbx_entity_nonpoly.comp_id     HOH 
# 
loop_
_entity_poly_seq.entity_id 
_entity_poly_seq.num 
_entity_poly_seq.mon_id 
_entity_poly_seq.hetero 
1 1   GLY n 
1 2   SER n 
1 3   SER n 
1 4   GLY n 
1 5   SER n 
1 6   SER n 
1 7   GLY n 
1 8   PRO n 
1 9   VAL n 
1 10  ARG n 
1 11  PHE n 
1 12  GLN n 
1 13  GLU n 
1 14  ALA n 
1 15  LEU n 
1 16  LYS n 
1 17  ASP n 
1 18  LEU n 
1 19  GLU n 
1 20  VAL n 
1 21  LEU n 
1 22  GLU n 
1 23  GLY n 
1 24  GLY n 
1 25  ALA n 
1 26  ALA n 
1 27  THR n 
1 28  LEU n 
1 29  ARG n 
1 30  CYS n 
1 31  VAL n 
1 32  LEU n 
1 33  SER n 
1 34  SER n 
1 35  VAL n 
1 36  ALA n 
1 37  ALA n 
1 38  PRO n 
1 39  VAL n 
1 40  LYS n 
1 41  TRP n 
1 42  CYS n 
1 43  TYR n 
1 44  GLY n 
1 45  ASN n 
1 46  ASN n 
1 47  VAL n 
1 48  LEU n 
1 49  ARG n 
1 50  PRO n 
1 51  GLY n 
1 52  ASP n 
1 53  LYS n 
1 54  TYR n 
1 55  SER n 
1 56  LEU n 
1 57  ARG n 
1 58  GLN n 
1 59  GLU n 
1 60  GLY n 
1 61  ALA n 
1 62  MSE n 
1 63  LEU n 
1 64  GLU n 
1 65  LEU n 
1 66  VAL n 
1 67  VAL n 
1 68  ARG n 
1 69  ASN n 
1 70  LEU n 
1 71  ARG n 
1 72  PRO n 
1 73  GLN n 
1 74  ASP n 
1 75  SER n 
1 76  GLY n 
1 77  ARG n 
1 78  TYR n 
1 79  SER n 
1 80  CYS n 
1 81  SER n 
1 82  PHE n 
1 83  GLY n 
1 84  ASP n 
1 85  GLN n 
1 86  THR n 
1 87  THR n 
1 88  SER n 
1 89  ALA n 
1 90  THR n 
1 91  LEU n 
1 92  THR n 
1 93  VAL n 
1 94  THR n 
1 95  ALA n 
1 96  LEU n 
1 97  PRO n 
1 98  SER n 
1 99  GLY n 
1 100 PRO n 
1 101 SER n 
1 102 SER n 
1 103 GLY n 
# 
_entity_src_gen.entity_id                          1 
_entity_src_gen.pdbx_src_id                        1 
_entity_src_gen.pdbx_alt_source_flag               sample 
_entity_src_gen.pdbx_seq_type                      ? 
_entity_src_gen.pdbx_beg_seq_num                   ? 
_entity_src_gen.pdbx_end_seq_num                   ? 
_entity_src_gen.gene_src_common_name               human 
_entity_src_gen.gene_src_genus                     Homo 
_entity_src_gen.pdbx_gene_src_gene                 'OBSCN, KIAA1556' 
_entity_src_gen.gene_src_species                   ? 
_entity_src_gen.gene_src_strain                    ? 
_entity_src_gen.gene_src_tissue                    ? 
_entity_src_gen.gene_src_tissue_fraction           ? 
_entity_src_gen.gene_src_details                   ? 
_entity_src_gen.pdbx_gene_src_fragment             ? 
_entity_src_gen.pdbx_gene_src_scientific_name      'Homo sapiens' 
_entity_src_gen.pdbx_gene_src_ncbi_taxonomy_id     9606 
_entity_src_gen.pdbx_gene_src_variant              ? 
_entity_src_gen.pdbx_gene_src_cell_line            ? 
_entity_src_gen.pdbx_gene_src_atcc                 ? 
_entity_src_gen.pdbx_gene_src_organ                ? 
_entity_src_gen.pdbx_gene_src_organelle            ? 
_entity_src_gen.pdbx_gene_src_cell                 ? 
_entity_src_gen.pdbx_gene_src_cellular_location    ? 
_entity_src_gen.host_org_common_name               ? 
_entity_src_gen.pdbx_host_org_scientific_name      'Cell-free protein synthesis' 
_entity_src_gen.pdbx_host_org_ncbi_taxonomy_id     ? 
_entity_src_gen.host_org_genus                     ? 
_entity_src_gen.pdbx_host_org_gene                 ? 
_entity_src_gen.pdbx_host_org_organ                ? 
_entity_src_gen.host_org_species                   ? 
_entity_src_gen.pdbx_host_org_tissue               ? 
_entity_src_gen.pdbx_host_org_tissue_fraction      ? 
_entity_src_gen.pdbx_host_org_strain               ? 
_entity_src_gen.pdbx_host_org_variant              ? 
_entity_src_gen.pdbx_host_org_cell_line            ? 
_entity_src_gen.pdbx_host_org_atcc                 ? 
_entity_src_gen.pdbx_host_org_culture_collection   ? 
_entity_src_gen.pdbx_host_org_cell                 ? 
_entity_src_gen.pdbx_host_org_organelle            ? 
_entity_src_gen.pdbx_host_org_cellular_location    ? 
_entity_src_gen.pdbx_host_org_vector_type          Plasmid 
_entity_src_gen.pdbx_host_org_vector               ? 
_entity_src_gen.host_org_details                   ? 
_entity_src_gen.expression_system_id               ? 
_entity_src_gen.plasmid_name                       PK051017-18 
_entity_src_gen.plasmid_details                    ? 
_entity_src_gen.pdbx_description                   ? 
# 
loop_
_chem_comp.id 
_chem_comp.type 
_chem_comp.mon_nstd_flag 
_chem_comp.name 
_chem_comp.pdbx_synonyms 
_chem_comp.formula 
_chem_comp.formula_weight 
ALA 'L-peptide linking' y ALANINE          ? 'C3 H7 N O2'     89.093  
ARG 'L-peptide linking' y ARGININE         ? 'C6 H15 N4 O2 1' 175.209 
ASN 'L-peptide linking' y ASPARAGINE       ? 'C4 H8 N2 O3'    132.118 
ASP 'L-peptide linking' y 'ASPARTIC ACID'  ? 'C4 H7 N O4'     133.103 
CYS 'L-peptide linking' y CYSTEINE         ? 'C3 H7 N O2 S'   121.158 
GLN 'L-peptide linking' y GLUTAMINE        ? 'C5 H10 N2 O3'   146.144 
GLU 'L-peptide linking' y 'GLUTAMIC ACID'  ? 'C5 H9 N O4'     147.129 
GLY 'peptide linking'   y GLYCINE          ? 'C2 H5 N O2'     75.067  
HOH non-polymer         . WATER            ? 'H2 O'           18.015  
LEU 'L-peptide linking' y LEUCINE          ? 'C6 H13 N O2'    131.173 
LYS 'L-peptide linking' y LYSINE           ? 'C6 H15 N2 O2 1' 147.195 
MSE 'L-peptide linking' n SELENOMETHIONINE ? 'C5 H11 N O2 Se' 196.106 
PHE 'L-peptide linking' y PHENYLALANINE    ? 'C9 H11 N O2'    165.189 
PRO 'L-peptide linking' y PROLINE          ? 'C5 H9 N O2'     115.130 
SER 'L-peptide linking' y SERINE           ? 'C3 H7 N O3'     105.093 
THR 'L-peptide linking' y THREONINE        ? 'C4 H9 N O3'     119.119 
TRP 'L-peptide linking' y TRYPTOPHAN       ? 'C11 H12 N2 O2'  204.225 
TYR 'L-peptide linking' y TYROSINE         ? 'C9 H11 N O3'    181.189 
VAL 'L-peptide linking' y VALINE           ? 'C5 H11 N O2'    117.146 
# 
loop_
_pdbx_poly_seq_scheme.asym_id 
_pdbx_poly_seq_scheme.entity_id 
_pdbx_poly_seq_scheme.seq_id 
_pdbx_poly_seq_scheme.mon_id 
_pdbx_poly_seq_scheme.ndb_seq_num 
_pdbx_poly_seq_scheme.pdb_seq_num 
_pdbx_poly_seq_scheme.auth_seq_num 
_pdbx_poly_seq_scheme.pdb_mon_id 
_pdbx_poly_seq_scheme.auth_mon_id 
_pdbx_poly_seq_scheme.pdb_strand_id 
_pdbx_poly_seq_scheme.pdb_ins_code 
_pdbx_poly_seq_scheme.hetero 
A 1 1   GLY 1   452 ?   ?   ?   A . n 
A 1 2   SER 2   453 ?   ?   ?   A . n 
A 1 3   SER 3   454 ?   ?   ?   A . n 
A 1 4   GLY 4   455 ?   ?   ?   A . n 
A 1 5   SER 5   456 ?   ?   ?   A . n 
A 1 6   SER 6   457 ?   ?   ?   A . n 
A 1 7   GLY 7   458 ?   ?   ?   A . n 
A 1 8   PRO 8   459 459 PRO PRO A . n 
A 1 9   VAL 9   460 460 VAL VAL A . n 
A 1 10  ARG 10  461 461 ARG ARG A . n 
A 1 11  PHE 11  462 462 PHE PHE A . n 
A 1 12  GLN 12  463 463 GLN GLN A . n 
A 1 13  GLU 13  464 464 GLU GLU A . n 
A 1 14  ALA 14  465 465 ALA ALA A . n 
A 1 15  LEU 15  466 466 LEU LEU A . n 
A 1 16  LYS 16  467 467 LYS LYS A . n 
A 1 17  ASP 17  468 468 ASP ASP A . n 
A 1 18  LEU 18  469 469 LEU LEU A . n 
A 1 19  GLU 19  470 470 GLU GLU A . n 
A 1 20  VAL 20  471 471 VAL VAL A . n 
A 1 21  LEU 21  472 472 LEU LEU A . n 
A 1 22  GLU 22  473 473 GLU GLU A . n 
A 1 23  GLY 23  474 474 GLY GLY A . n 
A 1 24  GLY 24  475 475 GLY GLY A . n 
A 1 25  ALA 25  476 476 ALA ALA A . n 
A 1 26  ALA 26  477 477 ALA ALA A . n 
A 1 27  THR 27  478 478 THR THR A . n 
A 1 28  LEU 28  479 479 LEU LEU A . n 
A 1 29  ARG 29  480 480 ARG ARG A . n 
A 1 30  CYS 30  481 481 CYS CYS A . n 
A 1 31  VAL 31  482 482 VAL VAL A . n 
A 1 32  LEU 32  483 483 LEU LEU A . n 
A 1 33  SER 33  484 484 SER SER A . n 
A 1 34  SER 34  485 485 SER SER A . n 
A 1 35  VAL 35  486 486 VAL VAL A . n 
A 1 36  ALA 36  487 487 ALA ALA A . n 
A 1 37  ALA 37  488 488 ALA ALA A . n 
A 1 38  PRO 38  489 489 PRO PRO A . n 
A 1 39  VAL 39  490 490 VAL VAL A . n 
A 1 40  LYS 40  491 491 LYS LYS A . n 
A 1 41  TRP 41  492 492 TRP TRP A . n 
A 1 42  CYS 42  493 493 CYS CYS A . n 
A 1 43  TYR 43  494 494 TYR TYR A . n 
A 1 44  GLY 44  495 495 GLY GLY A . n 
A 1 45  ASN 45  496 496 ASN ASN A . n 
A 1 46  ASN 46  497 497 ASN ASN A . n 
A 1 47  VAL 47  498 498 VAL VAL A . n 
A 1 48  LEU 48  499 499 LEU LEU A . n 
A 1 49  ARG 49  500 500 ARG ARG A . n 
A 1 50  PRO 50  501 501 PRO PRO A . n 
A 1 51  GLY 51  502 502 GLY GLY A . n 
A 1 52  ASP 52  503 503 ASP ASP A . n 
A 1 53  LYS 53  504 504 LYS LYS A . n 
A 1 54  TYR 54  505 505 TYR TYR A . n 
A 1 55  SER 55  506 506 SER SER A . n 
A 1 56  LEU 56  507 507 LEU LEU A . n 
A 1 57  ARG 57  508 508 ARG ARG A . n 
A 1 58  GLN 58  509 509 GLN GLN A . n 
A 1 59  GLU 59  510 510 GLU GLU A . n 
A 1 60  GLY 60  511 511 GLY GLY A . n 
A 1 61  ALA 61  512 512 ALA ALA A . n 
A 1 62  MSE 62  513 513 MSE MSE A . n 
A 1 63  LEU 63  514 514 LEU LEU A . n 
A 1 64  GLU 64  515 515 GLU GLU A . n 
A 1 65  LEU 65  516 516 LEU LEU A . n 
A 1 66  VAL 66  517 517 VAL VAL A . n 
A 1 67  VAL 67  518 518 VAL VAL A . n 
A 1 68  ARG 68  519 519 ARG ARG A . n 
A 1 69  ASN 69  520 520 ASN ASN A . n 
A 1 70  LEU 70  521 521 LEU LEU A . n 
A 1 71  ARG 71  522 522 ARG ARG A . n 
A 1 72  PRO 72  523 523 PRO PRO A . n 
A 1 73  GLN 73  524 524 GLN GLN A . n 
A 1 74  ASP 74  525 525 ASP ASP A . n 
A 1 75  SER 75  526 526 SER SER A . n 
A 1 76  GLY 76  527 527 GLY GLY A . n 
A 1 77  ARG 77  528 528 ARG ARG A . n 
A 1 78  TYR 78  529 529 TYR TYR A . n 
A 1 79  SER 79  530 530 SER SER A . n 
A 1 80  CYS 80  531 531 CYS CYS A . n 
A 1 81  SER 81  532 532 SER SER A . n 
A 1 82  PHE 82  533 533 PHE PHE A . n 
A 1 83  GLY 83  534 534 GLY GLY A . n 
A 1 84  ASP 84  535 535 ASP ASP A . n 
A 1 85  GLN 85  536 536 GLN GLN A . n 
A 1 86  THR 86  537 537 THR THR A . n 
A 1 87  THR 87  538 538 THR THR A . n 
A 1 88  SER 88  539 539 SER SER A . n 
A 1 89  ALA 89  540 540 ALA ALA A . n 
A 1 90  THR 90  541 541 THR THR A . n 
A 1 91  LEU 91  542 542 LEU LEU A . n 
A 1 92  THR 92  543 543 THR THR A . n 
A 1 93  VAL 93  544 544 VAL VAL A . n 
A 1 94  THR 94  545 545 THR THR A . n 
A 1 95  ALA 95  546 546 ALA ALA A . n 
A 1 96  LEU 96  547 547 LEU LEU A . n 
A 1 97  PRO 97  548 548 PRO PRO A . n 
A 1 98  SER 98  549 ?   ?   ?   A . n 
A 1 99  GLY 99  550 ?   ?   ?   A . n 
A 1 100 PRO 100 551 ?   ?   ?   A . n 
A 1 101 SER 101 552 ?   ?   ?   A . n 
A 1 102 SER 102 553 ?   ?   ?   A . n 
A 1 103 GLY 103 554 ?   ?   ?   A . n 
# 
loop_
_pdbx_nonpoly_scheme.asym_id 
_pdbx_nonpoly_scheme.entity_id 
_pdbx_nonpoly_scheme.mon_id 
_pdbx_nonpoly_scheme.ndb_seq_num 
_pdbx_nonpoly_scheme.pdb_seq_num 
_pdbx_nonpoly_scheme.auth_seq_num 
_pdbx_nonpoly_scheme.pdb_mon_id 
_pdbx_nonpoly_scheme.auth_mon_id 
_pdbx_nonpoly_scheme.pdb_strand_id 
_pdbx_nonpoly_scheme.pdb_ins_code 
B 2 HOH 1  1  1  HOH HOH A . 
B 2 HOH 2  2  2  HOH HOH A . 
B 2 HOH 3  3  3  HOH HOH A . 
B 2 HOH 4  4  4  HOH HOH A . 
B 2 HOH 5  5  5  HOH HOH A . 
B 2 HOH 6  6  6  HOH HOH A . 
B 2 HOH 7  7  7  HOH HOH A . 
B 2 HOH 8  8  8  HOH HOH A . 
B 2 HOH 9  9  9  HOH HOH A . 
B 2 HOH 10 10 10 HOH HOH A . 
B 2 HOH 11 11 11 HOH HOH A . 
B 2 HOH 12 12 12 HOH HOH A . 
B 2 HOH 13 13 13 HOH HOH A . 
B 2 HOH 14 14 14 HOH HOH A . 
B 2 HOH 15 15 15 HOH HOH A . 
B 2 HOH 16 16 16 HOH HOH A . 
B 2 HOH 17 17 17 HOH HOH A . 
B 2 HOH 18 18 18 HOH HOH A . 
B 2 HOH 19 19 19 HOH HOH A . 
B 2 HOH 20 20 20 HOH HOH A . 
B 2 HOH 21 21 21 HOH HOH A . 
B 2 HOH 22 22 22 HOH HOH A . 
B 2 HOH 23 23 23 HOH HOH A . 
B 2 HOH 24 24 24 HOH HOH A . 
B 2 HOH 25 25 25 HOH HOH A . 
B 2 HOH 26 26 26 HOH HOH A . 
B 2 HOH 27 27 27 HOH HOH A . 
B 2 HOH 28 28 28 HOH HOH A . 
B 2 HOH 29 29 29 HOH HOH A . 
B 2 HOH 30 30 30 HOH HOH A . 
B 2 HOH 31 31 31 HOH HOH A . 
B 2 HOH 32 32 32 HOH HOH A . 
B 2 HOH 33 33 33 HOH HOH A . 
B 2 HOH 34 34 34 HOH HOH A . 
B 2 HOH 35 35 35 HOH HOH A . 
B 2 HOH 36 36 36 HOH HOH A . 
B 2 HOH 37 37 37 HOH HOH A . 
B 2 HOH 38 38 38 HOH HOH A . 
B 2 HOH 39 39 39 HOH HOH A . 
# 
loop_
_pdbx_unobs_or_zero_occ_atoms.id 
_pdbx_unobs_or_zero_occ_atoms.PDB_model_num 
_pdbx_unobs_or_zero_occ_atoms.polymer_flag 
_pdbx_unobs_or_zero_occ_atoms.occupancy_flag 
_pdbx_unobs_or_zero_occ_atoms.auth_asym_id 
_pdbx_unobs_or_zero_occ_atoms.auth_comp_id 
_pdbx_unobs_or_zero_occ_atoms.auth_seq_id 
_pdbx_unobs_or_zero_occ_atoms.PDB_ins_code 
_pdbx_unobs_or_zero_occ_atoms.auth_atom_id 
_pdbx_unobs_or_zero_occ_atoms.label_alt_id 
_pdbx_unobs_or_zero_occ_atoms.label_asym_id 
_pdbx_unobs_or_zero_occ_atoms.label_comp_id 
_pdbx_unobs_or_zero_occ_atoms.label_seq_id 
_pdbx_unobs_or_zero_occ_atoms.label_atom_id 
1  1 Y 1 A GLU 464 ? CD  ? A GLU 13 CD  
2  1 Y 1 A GLU 464 ? OE1 ? A GLU 13 OE1 
3  1 Y 1 A GLU 464 ? OE2 ? A GLU 13 OE2 
4  1 Y 1 A LYS 467 ? CD  ? A LYS 16 CD  
5  1 Y 1 A LYS 467 ? CE  ? A LYS 16 CE  
6  1 Y 1 A LYS 467 ? NZ  ? A LYS 16 NZ  
7  1 Y 1 A LYS 491 ? CD  ? A LYS 40 CD  
8  1 Y 1 A LYS 491 ? CE  ? A LYS 40 CE  
9  1 Y 1 A LYS 491 ? NZ  ? A LYS 40 NZ  
10 1 Y 1 A GLU 510 ? CD  ? A GLU 59 CD  
11 1 Y 1 A GLU 510 ? OE1 ? A GLU 59 OE1 
12 1 Y 1 A GLU 510 ? OE2 ? A GLU 59 OE2 
# 
loop_
_software.name 
_software.classification 
_software.version 
_software.citation_id 
_software.pdbx_ordinal 
REFMAC   refinement        5.2.0005 ? 1 
HKL-2000 'data collection' .        ? 2 
HKL-2000 'data reduction'  .        ? 3 
HKL-2000 'data scaling'    .        ? 4 
MOLREP   phasing           .        ? 5 
# 
_cell.entry_id           2YZ8 
_cell.length_a           43.358 
_cell.length_b           43.358 
_cell.length_c           102.316 
_cell.angle_alpha        90.00 
_cell.angle_beta         90.00 
_cell.angle_gamma        90.00 
_cell.Z_PDB              8 
_cell.pdbx_unique_axis   ? 
_cell.length_a_esd       ? 
_cell.length_b_esd       ? 
_cell.length_c_esd       ? 
_cell.angle_alpha_esd    ? 
_cell.angle_beta_esd     ? 
_cell.angle_gamma_esd    ? 
# 
_symmetry.entry_id                         2YZ8 
_symmetry.space_group_name_H-M             'P 43 21 2' 
_symmetry.pdbx_full_space_group_name_H-M   ? 
_symmetry.cell_setting                     ? 
_symmetry.Int_Tables_number                96 
_symmetry.space_group_name_Hall            ? 
# 
_exptl.entry_id          2YZ8 
_exptl.method            'X-RAY DIFFRACTION' 
_exptl.crystals_number   1 
# 
_exptl_crystal.id                    1 
_exptl_crystal.density_meas          ? 
_exptl_crystal.density_Matthews      2.22 
_exptl_crystal.density_percent_sol   44.56 
_exptl_crystal.description           ? 
_exptl_crystal.F_000                 ? 
_exptl_crystal.preparation           ? 
# 
_exptl_crystal_grow.crystal_id      1 
_exptl_crystal_grow.method          'VAPOR DIFFUSION, SITTING DROP' 
_exptl_crystal_grow.temp            293 
_exptl_crystal_grow.temp_details    ? 
_exptl_crystal_grow.pH              5.6 
_exptl_crystal_grow.pdbx_details    
;0.2M potassium sodium tartrate tetrahydrate, 0.1M tri-sodium citrate dihydrate pH 5.6, 2M ammonium sulfate   
, VAPOR DIFFUSION, SITTING DROP, temperature 293K
;
_exptl_crystal_grow.pdbx_pH_range   . 
# 
_diffrn.id                     1 
_diffrn.ambient_temp           100 
_diffrn.ambient_temp_details   ? 
_diffrn.crystal_id             1 
# 
_diffrn_detector.diffrn_id              1 
_diffrn_detector.detector               CCD 
_diffrn_detector.type                   'MARMOSAIC 225 mm CCD' 
_diffrn_detector.pdbx_collection_date   2007-01-31 
_diffrn_detector.details                ? 
# 
_diffrn_radiation.diffrn_id                        1 
_diffrn_radiation.wavelength_id                    1 
_diffrn_radiation.pdbx_monochromatic_or_laue_m_l   M 
_diffrn_radiation.monochromator                    'Si 111' 
_diffrn_radiation.pdbx_diffrn_protocol             'SINGLE WAVELENGTH' 
_diffrn_radiation.pdbx_scattering_type             x-ray 
# 
_diffrn_radiation_wavelength.id           1 
_diffrn_radiation_wavelength.wavelength   0.97901 
_diffrn_radiation_wavelength.wt           1.0 
# 
_diffrn_source.diffrn_id                   1 
_diffrn_source.source                      SYNCHROTRON 
_diffrn_source.type                        'APS BEAMLINE 22-BM' 
_diffrn_source.pdbx_synchrotron_site       APS 
_diffrn_source.pdbx_synchrotron_beamline   22-BM 
_diffrn_source.pdbx_wavelength             ? 
_diffrn_source.pdbx_wavelength_list        0.97901 
# 
_reflns.entry_id                     2YZ8 
_reflns.observed_criterion_sigma_F   ? 
_reflns.observed_criterion_sigma_I   0.0 
_reflns.d_resolution_high            2.0 
_reflns.d_resolution_low             50.0 
_reflns.number_all                   7165 
_reflns.number_obs                   6566 
_reflns.percent_possible_obs         91.7 
_reflns.pdbx_Rmerge_I_obs            ? 
_reflns.pdbx_Rsym_value              0.061 
_reflns.pdbx_netI_over_sigmaI        14.1 
_reflns.B_iso_Wilson_estimate        6.9 
_reflns.pdbx_redundancy              6.0 
_reflns.R_free_details               ? 
_reflns.limit_h_max                  ? 
_reflns.limit_h_min                  ? 
_reflns.limit_k_max                  ? 
_reflns.limit_k_min                  ? 
_reflns.limit_l_max                  ? 
_reflns.limit_l_min                  ? 
_reflns.observed_criterion_F_max     ? 
_reflns.observed_criterion_F_min     ? 
_reflns.pdbx_chi_squared             ? 
_reflns.pdbx_scaling_rejects         ? 
_reflns.pdbx_ordinal                 1 
_reflns.pdbx_diffrn_id               1 
# 
_reflns_shell.d_res_high             2.00 
_reflns_shell.d_res_low              2.07 
_reflns_shell.percent_possible_all   56.1 
_reflns_shell.Rmerge_I_obs           ? 
_reflns_shell.pdbx_Rsym_value        0.247 
_reflns_shell.meanI_over_sigI_obs    4.5 
_reflns_shell.pdbx_redundancy        4.2 
_reflns_shell.percent_possible_obs   ? 
_reflns_shell.number_unique_all      390 
_reflns_shell.number_measured_all    ? 
_reflns_shell.number_measured_obs    ? 
_reflns_shell.number_unique_obs      ? 
_reflns_shell.pdbx_chi_squared       ? 
_reflns_shell.pdbx_ordinal           1 
_reflns_shell.pdbx_diffrn_id         1 
# 
_refine.entry_id                                 2YZ8 
_refine.ls_number_reflns_obs                     5904 
_refine.ls_number_reflns_all                     ? 
_refine.pdbx_ls_sigma_I                          ? 
_refine.pdbx_ls_sigma_F                          0.00 
_refine.pdbx_data_cutoff_high_absF               ? 
_refine.pdbx_data_cutoff_low_absF                ? 
_refine.pdbx_data_cutoff_high_rms_absF           ? 
_refine.ls_d_res_low                             39.94 
_refine.ls_d_res_high                            2.00 
_refine.ls_percent_reflns_obs                    92.11 
_refine.ls_R_factor_obs                          0.214 
_refine.ls_R_factor_all                          ? 
_refine.ls_R_factor_R_work                       0.209 
_refine.ls_R_factor_R_free                       0.261 
_refine.ls_R_factor_R_free_error                 ? 
_refine.ls_R_factor_R_free_error_details         ? 
_refine.ls_percent_reflns_R_free                 9.9 
_refine.ls_number_reflns_R_free                  648 
_refine.ls_number_parameters                     ? 
_refine.ls_number_restraints                     ? 
_refine.occupancy_min                            ? 
_refine.occupancy_max                            ? 
_refine.correlation_coeff_Fo_to_Fc               0.946 
_refine.correlation_coeff_Fo_to_Fc_free          0.928 
_refine.B_iso_mean                               21.164 
_refine.aniso_B[1][1]                            0.21 
_refine.aniso_B[2][2]                            0.21 
_refine.aniso_B[3][3]                            -0.43 
_refine.aniso_B[1][2]                            0.00 
_refine.aniso_B[1][3]                            0.00 
_refine.aniso_B[2][3]                            0.00 
_refine.solvent_model_details                    'BABINET MODEL WITH MASK' 
_refine.solvent_model_param_ksol                 ? 
_refine.solvent_model_param_bsol                 ? 
_refine.pdbx_solvent_vdw_probe_radii             1.20 
_refine.pdbx_solvent_ion_probe_radii             0.80 
_refine.pdbx_solvent_shrinkage_radii             0.80 
_refine.pdbx_ls_cross_valid_method               THROUGHOUT 
_refine.details                                  'The structure was refined also with CNS 1.1' 
_refine.pdbx_starting_model                      'homology-model (SWISS-MODEL)' 
_refine.pdbx_method_to_determine_struct          'MOLECULAR REPLACEMENT' 
_refine.pdbx_isotropic_thermal_model             ? 
_refine.pdbx_stereochemistry_target_values       'MAXIMUM LIKELIHOOD' 
_refine.pdbx_stereochem_target_val_spec_case     ? 
_refine.pdbx_R_Free_selection_details            RANDOM 
_refine.pdbx_overall_ESU_R                       0.215 
_refine.pdbx_overall_ESU_R_Free                  0.193 
_refine.overall_SU_ML                            0.130 
_refine.overall_SU_B                             9.269 
_refine.ls_redundancy_reflns_obs                 ? 
_refine.B_iso_min                                ? 
_refine.B_iso_max                                ? 
_refine.overall_SU_R_Cruickshank_DPI             ? 
_refine.overall_SU_R_free                        ? 
_refine.ls_wR_factor_R_free                      ? 
_refine.ls_wR_factor_R_work                      ? 
_refine.overall_FOM_free_R_set                   ? 
_refine.overall_FOM_work_R_set                   ? 
_refine.pdbx_overall_phase_error                 ? 
_refine.pdbx_refine_id                           'X-RAY DIFFRACTION' 
_refine.pdbx_TLS_residual_ADP_flag               'LIKELY RESIDUAL' 
_refine.pdbx_diffrn_id                           1 
_refine.pdbx_overall_SU_R_free_Cruickshank_DPI   ? 
_refine.pdbx_overall_SU_R_Blow_DPI               ? 
_refine.pdbx_overall_SU_R_free_Blow_DPI          ? 
# 
_refine_hist.pdbx_refine_id                   'X-RAY DIFFRACTION' 
_refine_hist.cycle_id                         LAST 
_refine_hist.pdbx_number_atoms_protein        673 
_refine_hist.pdbx_number_atoms_nucleic_acid   0 
_refine_hist.pdbx_number_atoms_ligand         0 
_refine_hist.number_atoms_solvent             39 
_refine_hist.number_atoms_total               712 
_refine_hist.d_res_high                       2.00 
_refine_hist.d_res_low                        39.94 
# 
loop_
_refine_ls_restr.type 
_refine_ls_restr.dev_ideal 
_refine_ls_restr.dev_ideal_target 
_refine_ls_restr.weight 
_refine_ls_restr.number 
_refine_ls_restr.pdbx_refine_id 
_refine_ls_restr.pdbx_restraint_function 
r_bond_refined_d             0.006  0.022  ? 684 'X-RAY DIFFRACTION' ? 
r_bond_other_d               ?      ?      ? ?   'X-RAY DIFFRACTION' ? 
r_angle_refined_deg          1.139  1.976  ? 930 'X-RAY DIFFRACTION' ? 
r_angle_other_deg            ?      ?      ? ?   'X-RAY DIFFRACTION' ? 
r_dihedral_angle_1_deg       5.832  5.000  ? 89  'X-RAY DIFFRACTION' ? 
r_dihedral_angle_2_deg       26.895 22.593 ? 27  'X-RAY DIFFRACTION' ? 
r_dihedral_angle_3_deg       13.235 15.000 ? 108 'X-RAY DIFFRACTION' ? 
r_dihedral_angle_4_deg       18.004 15.000 ? 7   'X-RAY DIFFRACTION' ? 
r_chiral_restr               0.059  0.200  ? 110 'X-RAY DIFFRACTION' ? 
r_gen_planes_refined         0.003  0.020  ? 511 'X-RAY DIFFRACTION' ? 
r_gen_planes_other           ?      ?      ? ?   'X-RAY DIFFRACTION' ? 
r_nbd_refined                0.183  0.200  ? 226 'X-RAY DIFFRACTION' ? 
r_nbd_other                  ?      ?      ? ?   'X-RAY DIFFRACTION' ? 
r_nbtor_refined              0.293  0.200  ? 455 'X-RAY DIFFRACTION' ? 
r_nbtor_other                ?      ?      ? ?   'X-RAY DIFFRACTION' ? 
r_xyhbond_nbd_refined        0.113  0.200  ? 38  'X-RAY DIFFRACTION' ? 
r_xyhbond_nbd_other          ?      ?      ? ?   'X-RAY DIFFRACTION' ? 
r_metal_ion_refined          ?      ?      ? ?   'X-RAY DIFFRACTION' ? 
r_metal_ion_other            ?      ?      ? ?   'X-RAY DIFFRACTION' ? 
r_symmetry_vdw_refined       0.164  0.200  ? 37  'X-RAY DIFFRACTION' ? 
r_symmetry_vdw_other         ?      ?      ? ?   'X-RAY DIFFRACTION' ? 
r_symmetry_hbond_refined     0.151  0.200  ? 5   'X-RAY DIFFRACTION' ? 
r_symmetry_hbond_other       ?      ?      ? ?   'X-RAY DIFFRACTION' ? 
r_symmetry_metal_ion_refined ?      ?      ? ?   'X-RAY DIFFRACTION' ? 
r_symmetry_metal_ion_other   ?      ?      ? ?   'X-RAY DIFFRACTION' ? 
r_mcbond_it                  0.345  1.500  ? 455 'X-RAY DIFFRACTION' ? 
r_mcbond_other               ?      ?      ? ?   'X-RAY DIFFRACTION' ? 
r_mcangle_it                 0.659  2.000  ? 717 'X-RAY DIFFRACTION' ? 
r_scbond_it                  1.016  3.000  ? 256 'X-RAY DIFFRACTION' ? 
r_scangle_it                 1.492  4.500  ? 213 'X-RAY DIFFRACTION' ? 
r_rigid_bond_restr           ?      ?      ? ?   'X-RAY DIFFRACTION' ? 
r_sphericity_free            ?      ?      ? ?   'X-RAY DIFFRACTION' ? 
r_sphericity_bonded          ?      ?      ? ?   'X-RAY DIFFRACTION' ? 
# 
_refine_ls_shell.pdbx_total_number_of_bins_used   20 
_refine_ls_shell.d_res_high                       2.000 
_refine_ls_shell.d_res_low                        2.052 
_refine_ls_shell.number_reflns_R_work             251 
_refine_ls_shell.R_factor_R_work                  0.225 
_refine_ls_shell.percent_reflns_obs               53.55 
_refine_ls_shell.R_factor_R_free                  0.225 
_refine_ls_shell.R_factor_R_free_error            ? 
_refine_ls_shell.percent_reflns_R_free            ? 
_refine_ls_shell.number_reflns_R_free             28 
_refine_ls_shell.number_reflns_all                ? 
_refine_ls_shell.R_factor_all                     ? 
_refine_ls_shell.number_reflns_obs                279 
_refine_ls_shell.redundancy_reflns_obs            ? 
_refine_ls_shell.pdbx_refine_id                   'X-RAY DIFFRACTION' 
# 
_struct.entry_id                  2YZ8 
_struct.title                     'Crystal structure of the 32th Ig-like domain of human obscurin (KIAA1556)' 
_struct.pdbx_model_details        ? 
_struct.pdbx_CASP_flag            ? 
_struct.pdbx_model_type_details   ? 
# 
_struct_keywords.entry_id        2YZ8 
_struct_keywords.pdbx_keywords   'STRUCTURAL PROTEIN' 
_struct_keywords.text            
;obsucurin, KIAA1556, Ig fold, STRUCTURAL PROTEIN, Structural Genomics, NPPSFA, National Project on Protein Structural and Functional Analyses, RIKEN Structural Genomics/Proteomics Initiative, RSGI
;
# 
loop_
_struct_asym.id 
_struct_asym.pdbx_blank_PDB_chainid_flag 
_struct_asym.pdbx_modified 
_struct_asym.entity_id 
_struct_asym.details 
A N N 1 ? 
B N N 2 ? 
# 
_struct_ref.id                         1 
_struct_ref.db_name                    UNP 
_struct_ref.db_code                    OBSCN_HUMAN 
_struct_ref.pdbx_db_accession          Q5VST9 
_struct_ref.entity_id                  1 
_struct_ref.pdbx_seq_one_letter_code   
;PVRFQEALKDLEVLEGGAATLRCVLSSVAAPVKWCYGNNVLRPGDKYSLRQEGAMLELVVRNLRPQDSGRYSCSFGDQTT
SATLTVTALP
;
_struct_ref.pdbx_align_begin           3184 
_struct_ref.pdbx_db_isoform            ? 
# 
_struct_ref_seq.align_id                      1 
_struct_ref_seq.ref_id                        1 
_struct_ref_seq.pdbx_PDB_id_code              2YZ8 
_struct_ref_seq.pdbx_strand_id                A 
_struct_ref_seq.seq_align_beg                 8 
_struct_ref_seq.pdbx_seq_align_beg_ins_code   ? 
_struct_ref_seq.seq_align_end                 97 
_struct_ref_seq.pdbx_seq_align_end_ins_code   ? 
_struct_ref_seq.pdbx_db_accession             Q5VST9 
_struct_ref_seq.db_align_beg                  3184 
_struct_ref_seq.pdbx_db_align_beg_ins_code    ? 
_struct_ref_seq.db_align_end                  3273 
_struct_ref_seq.pdbx_db_align_end_ins_code    ? 
_struct_ref_seq.pdbx_auth_seq_align_beg       459 
_struct_ref_seq.pdbx_auth_seq_align_end       548 
# 
loop_
_struct_ref_seq_dif.align_id 
_struct_ref_seq_dif.pdbx_pdb_id_code 
_struct_ref_seq_dif.mon_id 
_struct_ref_seq_dif.pdbx_pdb_strand_id 
_struct_ref_seq_dif.seq_num 
_struct_ref_seq_dif.pdbx_pdb_ins_code 
_struct_ref_seq_dif.pdbx_seq_db_name 
_struct_ref_seq_dif.pdbx_seq_db_accession_code 
_struct_ref_seq_dif.db_mon_id 
_struct_ref_seq_dif.pdbx_seq_db_seq_num 
_struct_ref_seq_dif.details 
_struct_ref_seq_dif.pdbx_auth_seq_num 
_struct_ref_seq_dif.pdbx_ordinal 
1 2YZ8 GLY A 1   ? UNP Q5VST9 ? ? 'expression tag' 452 1  
1 2YZ8 SER A 2   ? UNP Q5VST9 ? ? 'expression tag' 453 2  
1 2YZ8 SER A 3   ? UNP Q5VST9 ? ? 'expression tag' 454 3  
1 2YZ8 GLY A 4   ? UNP Q5VST9 ? ? 'expression tag' 455 4  
1 2YZ8 SER A 5   ? UNP Q5VST9 ? ? 'expression tag' 456 5  
1 2YZ8 SER A 6   ? UNP Q5VST9 ? ? 'expression tag' 457 6  
1 2YZ8 GLY A 7   ? UNP Q5VST9 ? ? 'expression tag' 458 7  
1 2YZ8 SER A 98  ? UNP Q5VST9 ? ? 'expression tag' 549 8  
1 2YZ8 GLY A 99  ? UNP Q5VST9 ? ? 'expression tag' 550 9  
1 2YZ8 PRO A 100 ? UNP Q5VST9 ? ? 'expression tag' 551 10 
1 2YZ8 SER A 101 ? UNP Q5VST9 ? ? 'expression tag' 552 11 
1 2YZ8 SER A 102 ? UNP Q5VST9 ? ? 'expression tag' 553 12 
1 2YZ8 GLY A 103 ? UNP Q5VST9 ? ? 'expression tag' 554 13 
# 
_pdbx_struct_assembly.id                   1 
_pdbx_struct_assembly.details              author_and_software_defined_assembly 
_pdbx_struct_assembly.method_details       PISA 
_pdbx_struct_assembly.oligomeric_details   monomeric 
_pdbx_struct_assembly.oligomeric_count     1 
# 
_pdbx_struct_assembly_gen.assembly_id       1 
_pdbx_struct_assembly_gen.oper_expression   1 
_pdbx_struct_assembly_gen.asym_id_list      A,B 
# 
_pdbx_struct_oper_list.id                   1 
_pdbx_struct_oper_list.type                 'identity operation' 
_pdbx_struct_oper_list.name                 1_555 
_pdbx_struct_oper_list.symmetry_operation   x,y,z 
_pdbx_struct_oper_list.matrix[1][1]         1.0000000000 
_pdbx_struct_oper_list.matrix[1][2]         0.0000000000 
_pdbx_struct_oper_list.matrix[1][3]         0.0000000000 
_pdbx_struct_oper_list.vector[1]            0.0000000000 
_pdbx_struct_oper_list.matrix[2][1]         0.0000000000 
_pdbx_struct_oper_list.matrix[2][2]         1.0000000000 
_pdbx_struct_oper_list.matrix[2][3]         0.0000000000 
_pdbx_struct_oper_list.vector[2]            0.0000000000 
_pdbx_struct_oper_list.matrix[3][1]         0.0000000000 
_pdbx_struct_oper_list.matrix[3][2]         0.0000000000 
_pdbx_struct_oper_list.matrix[3][3]         1.0000000000 
_pdbx_struct_oper_list.vector[3]            0.0000000000 
# 
_struct_biol.id        1 
_struct_biol.details   ? 
# 
_struct_conf.conf_type_id            HELX_P 
_struct_conf.id                      HELX_P1 
_struct_conf.pdbx_PDB_helix_id       1 
_struct_conf.beg_label_comp_id       ARG 
_struct_conf.beg_label_asym_id       A 
_struct_conf.beg_label_seq_id        71 
_struct_conf.pdbx_beg_PDB_ins_code   ? 
_struct_conf.end_label_comp_id       SER 
_struct_conf.end_label_asym_id       A 
_struct_conf.end_label_seq_id        75 
_struct_conf.pdbx_end_PDB_ins_code   ? 
_struct_conf.beg_auth_comp_id        ARG 
_struct_conf.beg_auth_asym_id        A 
_struct_conf.beg_auth_seq_id         522 
_struct_conf.end_auth_comp_id        SER 
_struct_conf.end_auth_asym_id        A 
_struct_conf.end_auth_seq_id         526 
_struct_conf.pdbx_PDB_helix_class    5 
_struct_conf.details                 ? 
_struct_conf.pdbx_PDB_helix_length   5 
# 
_struct_conf_type.id          HELX_P 
_struct_conf_type.criteria    ? 
_struct_conf_type.reference   ? 
# 
loop_
_struct_conn.id 
_struct_conn.conn_type_id 
_struct_conn.pdbx_leaving_atom_flag 
_struct_conn.pdbx_PDB_id 
_struct_conn.ptnr1_label_asym_id 
_struct_conn.ptnr1_label_comp_id 
_struct_conn.ptnr1_label_seq_id 
_struct_conn.ptnr1_label_atom_id 
_struct_conn.pdbx_ptnr1_label_alt_id 
_struct_conn.pdbx_ptnr1_PDB_ins_code 
_struct_conn.pdbx_ptnr1_standard_comp_id 
_struct_conn.ptnr1_symmetry 
_struct_conn.ptnr2_label_asym_id 
_struct_conn.ptnr2_label_comp_id 
_struct_conn.ptnr2_label_seq_id 
_struct_conn.ptnr2_label_atom_id 
_struct_conn.pdbx_ptnr2_label_alt_id 
_struct_conn.pdbx_ptnr2_PDB_ins_code 
_struct_conn.ptnr1_auth_asym_id 
_struct_conn.ptnr1_auth_comp_id 
_struct_conn.ptnr1_auth_seq_id 
_struct_conn.ptnr2_auth_asym_id 
_struct_conn.ptnr2_auth_comp_id 
_struct_conn.ptnr2_auth_seq_id 
_struct_conn.ptnr2_symmetry 
_struct_conn.pdbx_ptnr3_label_atom_id 
_struct_conn.pdbx_ptnr3_label_seq_id 
_struct_conn.pdbx_ptnr3_label_comp_id 
_struct_conn.pdbx_ptnr3_label_asym_id 
_struct_conn.pdbx_ptnr3_label_alt_id 
_struct_conn.pdbx_ptnr3_PDB_ins_code 
_struct_conn.details 
_struct_conn.pdbx_dist_value 
_struct_conn.pdbx_value_order 
_struct_conn.pdbx_role 
covale1 covale both ? A ALA 61 C ? ? ? 1_555 A MSE 62 N ? ? A ALA 512 A MSE 513 1_555 ? ? ? ? ? ? ? 1.332 ? ? 
covale2 covale both ? A MSE 62 C ? ? ? 1_555 A LEU 63 N ? ? A MSE 513 A LEU 514 1_555 ? ? ? ? ? ? ? 1.328 ? ? 
# 
_struct_conn_type.id          covale 
_struct_conn_type.criteria    ? 
_struct_conn_type.reference   ? 
# 
_pdbx_modification_feature.ordinal                            1 
_pdbx_modification_feature.label_comp_id                      MSE 
_pdbx_modification_feature.label_asym_id                      A 
_pdbx_modification_feature.label_seq_id                       62 
_pdbx_modification_feature.label_alt_id                       ? 
_pdbx_modification_feature.modified_residue_label_comp_id     . 
_pdbx_modification_feature.modified_residue_label_asym_id     . 
_pdbx_modification_feature.modified_residue_label_seq_id      . 
_pdbx_modification_feature.modified_residue_label_alt_id      . 
_pdbx_modification_feature.auth_comp_id                       MSE 
_pdbx_modification_feature.auth_asym_id                       A 
_pdbx_modification_feature.auth_seq_id                        513 
_pdbx_modification_feature.PDB_ins_code                       ? 
_pdbx_modification_feature.symmetry                           1_555 
_pdbx_modification_feature.modified_residue_auth_comp_id      . 
_pdbx_modification_feature.modified_residue_auth_asym_id      . 
_pdbx_modification_feature.modified_residue_auth_seq_id       . 
_pdbx_modification_feature.modified_residue_PDB_ins_code      . 
_pdbx_modification_feature.modified_residue_symmetry          . 
_pdbx_modification_feature.comp_id_linking_atom               . 
_pdbx_modification_feature.modified_residue_id_linking_atom   . 
_pdbx_modification_feature.modified_residue_id                MET 
_pdbx_modification_feature.ref_pcm_id                         1 
_pdbx_modification_feature.ref_comp_id                        MSE 
_pdbx_modification_feature.type                               Selenomethionine 
_pdbx_modification_feature.category                           'Named protein modification' 
# 
_struct_mon_prot_cis.pdbx_id                1 
_struct_mon_prot_cis.label_comp_id          ALA 
_struct_mon_prot_cis.label_seq_id           37 
_struct_mon_prot_cis.label_asym_id          A 
_struct_mon_prot_cis.label_alt_id           . 
_struct_mon_prot_cis.pdbx_PDB_ins_code      ? 
_struct_mon_prot_cis.auth_comp_id           ALA 
_struct_mon_prot_cis.auth_seq_id            488 
_struct_mon_prot_cis.auth_asym_id           A 
_struct_mon_prot_cis.pdbx_label_comp_id_2   PRO 
_struct_mon_prot_cis.pdbx_label_seq_id_2    38 
_struct_mon_prot_cis.pdbx_label_asym_id_2   A 
_struct_mon_prot_cis.pdbx_PDB_ins_code_2    ? 
_struct_mon_prot_cis.pdbx_auth_comp_id_2    PRO 
_struct_mon_prot_cis.pdbx_auth_seq_id_2     489 
_struct_mon_prot_cis.pdbx_auth_asym_id_2    A 
_struct_mon_prot_cis.pdbx_PDB_model_num     1 
_struct_mon_prot_cis.pdbx_omega_angle       -3.31 
# 
loop_
_struct_sheet.id 
_struct_sheet.type 
_struct_sheet.number_strands 
_struct_sheet.details 
A ? 4 ? 
B ? 5 ? 
# 
loop_
_struct_sheet_order.sheet_id 
_struct_sheet_order.range_id_1 
_struct_sheet_order.range_id_2 
_struct_sheet_order.offset 
_struct_sheet_order.sense 
A 1 2 ? anti-parallel 
A 2 3 ? anti-parallel 
A 3 4 ? anti-parallel 
B 1 2 ? parallel      
B 2 3 ? anti-parallel 
B 3 4 ? anti-parallel 
B 4 5 ? anti-parallel 
# 
loop_
_struct_sheet_range.sheet_id 
_struct_sheet_range.id 
_struct_sheet_range.beg_label_comp_id 
_struct_sheet_range.beg_label_asym_id 
_struct_sheet_range.beg_label_seq_id 
_struct_sheet_range.pdbx_beg_PDB_ins_code 
_struct_sheet_range.end_label_comp_id 
_struct_sheet_range.end_label_asym_id 
_struct_sheet_range.end_label_seq_id 
_struct_sheet_range.pdbx_end_PDB_ins_code 
_struct_sheet_range.beg_auth_comp_id 
_struct_sheet_range.beg_auth_asym_id 
_struct_sheet_range.beg_auth_seq_id 
_struct_sheet_range.end_auth_comp_id 
_struct_sheet_range.end_auth_asym_id 
_struct_sheet_range.end_auth_seq_id 
A 1 PHE A 11 ? GLU A 13 ? PHE A 462 GLU A 464 
A 2 ALA A 26 ? LEU A 32 ? ALA A 477 LEU A 483 
A 3 MSE A 62 ? VAL A 67 ? MSE A 513 VAL A 518 
A 4 TYR A 54 ? GLU A 59 ? TYR A 505 GLU A 510 
B 1 LEU A 18 ? LEU A 21 ? LEU A 469 LEU A 472 
B 2 GLN A 85 ? THR A 94 ? GLN A 536 THR A 545 
B 3 GLY A 76 ? PHE A 82 ? GLY A 527 PHE A 533 
B 4 LYS A 40 ? TYR A 43 ? LYS A 491 TYR A 494 
B 5 ASN A 46 ? VAL A 47 ? ASN A 497 VAL A 498 
# 
loop_
_pdbx_struct_sheet_hbond.sheet_id 
_pdbx_struct_sheet_hbond.range_id_1 
_pdbx_struct_sheet_hbond.range_id_2 
_pdbx_struct_sheet_hbond.range_1_label_atom_id 
_pdbx_struct_sheet_hbond.range_1_label_comp_id 
_pdbx_struct_sheet_hbond.range_1_label_asym_id 
_pdbx_struct_sheet_hbond.range_1_label_seq_id 
_pdbx_struct_sheet_hbond.range_1_PDB_ins_code 
_pdbx_struct_sheet_hbond.range_1_auth_atom_id 
_pdbx_struct_sheet_hbond.range_1_auth_comp_id 
_pdbx_struct_sheet_hbond.range_1_auth_asym_id 
_pdbx_struct_sheet_hbond.range_1_auth_seq_id 
_pdbx_struct_sheet_hbond.range_2_label_atom_id 
_pdbx_struct_sheet_hbond.range_2_label_comp_id 
_pdbx_struct_sheet_hbond.range_2_label_asym_id 
_pdbx_struct_sheet_hbond.range_2_label_seq_id 
_pdbx_struct_sheet_hbond.range_2_PDB_ins_code 
_pdbx_struct_sheet_hbond.range_2_auth_atom_id 
_pdbx_struct_sheet_hbond.range_2_auth_comp_id 
_pdbx_struct_sheet_hbond.range_2_auth_asym_id 
_pdbx_struct_sheet_hbond.range_2_auth_seq_id 
A 1 2 N GLU A 13 ? N GLU A 464 O VAL A 31 ? O VAL A 482 
A 2 3 N CYS A 30 ? N CYS A 481 O LEU A 63 ? O LEU A 514 
A 3 4 O GLU A 64 ? O GLU A 515 N ARG A 57 ? N ARG A 508 
B 1 2 N LEU A 18 ? N LEU A 469 O THR A 92 ? O THR A 543 
B 2 3 O LEU A 91 ? O LEU A 542 N GLY A 76 ? N GLY A 527 
B 3 4 O SER A 79 ? O SER A 530 N CYS A 42 ? N CYS A 493 
B 4 5 N TYR A 43 ? N TYR A 494 O ASN A 46 ? O ASN A 497 
# 
_pdbx_entry_details.entry_id                   2YZ8 
_pdbx_entry_details.compound_details           ? 
_pdbx_entry_details.source_details             ? 
_pdbx_entry_details.nonpolymer_details         ? 
_pdbx_entry_details.sequence_details           ? 
_pdbx_entry_details.has_ligand_of_interest     ? 
_pdbx_entry_details.has_protein_modification   Y 
# 
_pdbx_SG_project.id                    1 
_pdbx_SG_project.project_name          'NPPSFA, National Project on Protein Structural and Functional Analyses' 
_pdbx_SG_project.full_name_of_center   'RIKEN Structural Genomics/Proteomics Initiative' 
_pdbx_SG_project.initial_of_center     RSGI 
# 
_pdbx_struct_mod_residue.id               1 
_pdbx_struct_mod_residue.label_asym_id    A 
_pdbx_struct_mod_residue.label_comp_id    MSE 
_pdbx_struct_mod_residue.label_seq_id     62 
_pdbx_struct_mod_residue.auth_asym_id     A 
_pdbx_struct_mod_residue.auth_comp_id     MSE 
_pdbx_struct_mod_residue.auth_seq_id      513 
_pdbx_struct_mod_residue.PDB_ins_code     ? 
_pdbx_struct_mod_residue.parent_comp_id   MET 
_pdbx_struct_mod_residue.details          SELENOMETHIONINE 
# 
loop_
_pdbx_refine_tls.id 
_pdbx_refine_tls.details 
_pdbx_refine_tls.method 
_pdbx_refine_tls.origin_x 
_pdbx_refine_tls.origin_y 
_pdbx_refine_tls.origin_z 
_pdbx_refine_tls.T[1][1] 
_pdbx_refine_tls.T[2][2] 
_pdbx_refine_tls.T[3][3] 
_pdbx_refine_tls.T[1][2] 
_pdbx_refine_tls.T[1][3] 
_pdbx_refine_tls.T[2][3] 
_pdbx_refine_tls.L[1][1] 
_pdbx_refine_tls.L[2][2] 
_pdbx_refine_tls.L[3][3] 
_pdbx_refine_tls.L[1][2] 
_pdbx_refine_tls.L[1][3] 
_pdbx_refine_tls.L[2][3] 
_pdbx_refine_tls.S[1][1] 
_pdbx_refine_tls.S[1][2] 
_pdbx_refine_tls.S[1][3] 
_pdbx_refine_tls.S[2][1] 
_pdbx_refine_tls.S[2][2] 
_pdbx_refine_tls.S[2][3] 
_pdbx_refine_tls.S[3][1] 
_pdbx_refine_tls.S[3][2] 
_pdbx_refine_tls.S[3][3] 
_pdbx_refine_tls.pdbx_refine_id 
1  ? refined 12.1892  3.1965  -2.0157 0.0844 -0.1570 0.2031 0.0977 0.0799  -0.0700 39.4799  8.3567  9.1382  -3.8135  -7.6862 -7.0707 -0.3437 -0.7954 0.8764  -0.1431 -0.1686 -1.3815 0.0510  0.4676  0.5125  'X-RAY DIFFRACTION' 
2  ? refined -6.4430  0.4768  -6.8463 0.2442 0.0706  0.0771 0.1310 -0.0297 0.0010  14.8001  7.9404  5.1596  2.4625   8.6978  2.0484  -0.1379 0.4321  -0.4293 -0.7672 0.1551  0.3818  -0.0014 0.1086  -0.0173 'X-RAY DIFFRACTION' 
3  ? refined 12.0080  -3.0079 1.6325  0.1845 0.0025  0.3014 0.0872 -0.0124 -0.0223 10.8518  5.8143  8.0163  -7.6930  -3.1177 0.6076  0.1755  -0.6024 0.1263  -0.0202 0.3826  -0.4226 0.6193  0.3121  -0.5581 'X-RAY DIFFRACTION' 
4  ? refined -1.8763  2.6171  7.6556  0.0631 -0.0605 0.0957 0.1061 -0.0227 0.1166  5.4249   6.2009  15.8209 5.7604   0.8622  2.0637  -0.0954 -0.3988 -0.2573 0.4737  0.2186  0.1683  -0.0037 0.2624  -0.1233 'X-RAY DIFFRACTION' 
5  ? refined -0.4431  -7.6500 3.2716  0.0731 -0.0423 0.1693 0.0965 0.0023  0.0440  17.0626  5.1639  5.5241  -2.8669  -6.1645 1.4727  -0.0992 -0.1820 -0.6455 0.2213  0.0320  0.6009  0.2337  -0.1862 0.0672  'X-RAY DIFFRACTION' 
6  ? refined 2.8426   -5.1494 -2.1623 0.1800 0.0166  0.2117 0.1331 -0.0161 0.1232  107.0605 24.0014 0.6368  -18.2349 -8.2538 1.5019  0.5652  2.7883  -1.5684 -0.3732 -0.7632 -0.7031 0.1384  -1.3573 0.1981  'X-RAY DIFFRACTION' 
7  ? refined -11.3965 -4.2318 -0.1384 0.1767 0.0823  0.4582 0.0644 0.0708  0.1770  78.3529  36.1244 2.0609  -35.2535 6.4846  2.6398  0.2423  -0.8985 -4.7808 0.0101  0.2817  2.6731  0.2137  -0.2733 -0.5240 'X-RAY DIFFRACTION' 
8  ? refined -10.2740 5.3159  1.2065  0.0829 -0.0492 0.1944 0.1257 -0.0225 0.0613  33.9100  15.7464 4.6653  12.2353  6.8603  3.1128  -0.2806 -1.0757 0.3365  0.0546  -0.0408 1.4724  0.0996  -0.4530 0.3214  'X-RAY DIFFRACTION' 
9  ? refined 4.8951   5.0074  2.8976  0.0838 -0.0906 0.1399 0.1144 0.0001  -0.0022 13.2370  2.0652  5.3408  -1.9375  2.8898  -1.4046 0.0026  -0.2583 0.1045  -0.0086 0.1571  -0.4695 -0.0953 0.3086  -0.1597 'X-RAY DIFFRACTION' 
10 ? refined -16.1756 3.3133  -8.5250 0.1703 -0.0705 0.3196 0.1124 -0.1254 -0.0043 35.6420  7.1191  13.9891 2.4052   10.5324 2.2274  0.2537  1.1977  -1.6473 -0.6603 0.0924  1.1778  0.5463  -0.2037 -0.3461 'X-RAY DIFFRACTION' 
# 
loop_
_pdbx_refine_tls_group.id 
_pdbx_refine_tls_group.refine_tls_id 
_pdbx_refine_tls_group.beg_auth_asym_id 
_pdbx_refine_tls_group.beg_auth_seq_id 
_pdbx_refine_tls_group.beg_label_asym_id 
_pdbx_refine_tls_group.beg_label_seq_id 
_pdbx_refine_tls_group.end_auth_asym_id 
_pdbx_refine_tls_group.end_auth_seq_id 
_pdbx_refine_tls_group.end_label_asym_id 
_pdbx_refine_tls_group.end_label_seq_id 
_pdbx_refine_tls_group.selection 
_pdbx_refine_tls_group.pdbx_refine_id 
_pdbx_refine_tls_group.selection_details 
1  1  A 459 A 8  A 466 A 15 ? 'X-RAY DIFFRACTION' ? 
2  2  A 467 A 16 A 480 A 29 ? 'X-RAY DIFFRACTION' ? 
3  3  A 481 A 30 A 491 A 40 ? 'X-RAY DIFFRACTION' ? 
4  4  A 492 A 41 A 499 A 48 ? 'X-RAY DIFFRACTION' ? 
5  5  A 500 A 49 A 512 A 61 ? 'X-RAY DIFFRACTION' ? 
6  6  A 513 A 62 A 517 A 66 ? 'X-RAY DIFFRACTION' ? 
7  7  A 518 A 67 A 522 A 71 ? 'X-RAY DIFFRACTION' ? 
8  8  A 523 A 72 A 528 A 77 ? 'X-RAY DIFFRACTION' ? 
9  9  A 529 A 78 A 542 A 91 ? 'X-RAY DIFFRACTION' ? 
10 10 A 543 A 92 A 548 A 97 ? 'X-RAY DIFFRACTION' ? 
# 
loop_
_pdbx_unobs_or_zero_occ_residues.id 
_pdbx_unobs_or_zero_occ_residues.PDB_model_num 
_pdbx_unobs_or_zero_occ_residues.polymer_flag 
_pdbx_unobs_or_zero_occ_residues.occupancy_flag 
_pdbx_unobs_or_zero_occ_residues.auth_asym_id 
_pdbx_unobs_or_zero_occ_residues.auth_comp_id 
_pdbx_unobs_or_zero_occ_residues.auth_seq_id 
_pdbx_unobs_or_zero_occ_residues.PDB_ins_code 
_pdbx_unobs_or_zero_occ_residues.label_asym_id 
_pdbx_unobs_or_zero_occ_residues.label_comp_id 
_pdbx_unobs_or_zero_occ_residues.label_seq_id 
1  1 Y 1 A GLY 452 ? A GLY 1   
2  1 Y 1 A SER 453 ? A SER 2   
3  1 Y 1 A SER 454 ? A SER 3   
4  1 Y 1 A GLY 455 ? A GLY 4   
5  1 Y 1 A SER 456 ? A SER 5   
6  1 Y 1 A SER 457 ? A SER 6   
7  1 Y 1 A GLY 458 ? A GLY 7   
8  1 Y 1 A SER 549 ? A SER 98  
9  1 Y 1 A GLY 550 ? A GLY 99  
10 1 Y 1 A PRO 551 ? A PRO 100 
11 1 Y 1 A SER 552 ? A SER 101 
12 1 Y 1 A SER 553 ? A SER 102 
13 1 Y 1 A GLY 554 ? A GLY 103 
# 
loop_
_chem_comp_atom.comp_id 
_chem_comp_atom.atom_id 
_chem_comp_atom.type_symbol 
_chem_comp_atom.pdbx_aromatic_flag 
_chem_comp_atom.pdbx_stereo_config 
_chem_comp_atom.pdbx_ordinal 
ALA N    N  N N 1   
ALA CA   C  N S 2   
ALA C    C  N N 3   
ALA O    O  N N 4   
ALA CB   C  N N 5   
ALA OXT  O  N N 6   
ALA H    H  N N 7   
ALA H2   H  N N 8   
ALA HA   H  N N 9   
ALA HB1  H  N N 10  
ALA HB2  H  N N 11  
ALA HB3  H  N N 12  
ALA HXT  H  N N 13  
ARG N    N  N N 14  
ARG CA   C  N S 15  
ARG C    C  N N 16  
ARG O    O  N N 17  
ARG CB   C  N N 18  
ARG CG   C  N N 19  
ARG CD   C  N N 20  
ARG NE   N  N N 21  
ARG CZ   C  N N 22  
ARG NH1  N  N N 23  
ARG NH2  N  N N 24  
ARG OXT  O  N N 25  
ARG H    H  N N 26  
ARG H2   H  N N 27  
ARG HA   H  N N 28  
ARG HB2  H  N N 29  
ARG HB3  H  N N 30  
ARG HG2  H  N N 31  
ARG HG3  H  N N 32  
ARG HD2  H  N N 33  
ARG HD3  H  N N 34  
ARG HE   H  N N 35  
ARG HH11 H  N N 36  
ARG HH12 H  N N 37  
ARG HH21 H  N N 38  
ARG HH22 H  N N 39  
ARG HXT  H  N N 40  
ASN N    N  N N 41  
ASN CA   C  N S 42  
ASN C    C  N N 43  
ASN O    O  N N 44  
ASN CB   C  N N 45  
ASN CG   C  N N 46  
ASN OD1  O  N N 47  
ASN ND2  N  N N 48  
ASN OXT  O  N N 49  
ASN H    H  N N 50  
ASN H2   H  N N 51  
ASN HA   H  N N 52  
ASN HB2  H  N N 53  
ASN HB3  H  N N 54  
ASN HD21 H  N N 55  
ASN HD22 H  N N 56  
ASN HXT  H  N N 57  
ASP N    N  N N 58  
ASP CA   C  N S 59  
ASP C    C  N N 60  
ASP O    O  N N 61  
ASP CB   C  N N 62  
ASP CG   C  N N 63  
ASP OD1  O  N N 64  
ASP OD2  O  N N 65  
ASP OXT  O  N N 66  
ASP H    H  N N 67  
ASP H2   H  N N 68  
ASP HA   H  N N 69  
ASP HB2  H  N N 70  
ASP HB3  H  N N 71  
ASP HD2  H  N N 72  
ASP HXT  H  N N 73  
CYS N    N  N N 74  
CYS CA   C  N R 75  
CYS C    C  N N 76  
CYS O    O  N N 77  
CYS CB   C  N N 78  
CYS SG   S  N N 79  
CYS OXT  O  N N 80  
CYS H    H  N N 81  
CYS H2   H  N N 82  
CYS HA   H  N N 83  
CYS HB2  H  N N 84  
CYS HB3  H  N N 85  
CYS HG   H  N N 86  
CYS HXT  H  N N 87  
GLN N    N  N N 88  
GLN CA   C  N S 89  
GLN C    C  N N 90  
GLN O    O  N N 91  
GLN CB   C  N N 92  
GLN CG   C  N N 93  
GLN CD   C  N N 94  
GLN OE1  O  N N 95  
GLN NE2  N  N N 96  
GLN OXT  O  N N 97  
GLN H    H  N N 98  
GLN H2   H  N N 99  
GLN HA   H  N N 100 
GLN HB2  H  N N 101 
GLN HB3  H  N N 102 
GLN HG2  H  N N 103 
GLN HG3  H  N N 104 
GLN HE21 H  N N 105 
GLN HE22 H  N N 106 
GLN HXT  H  N N 107 
GLU N    N  N N 108 
GLU CA   C  N S 109 
GLU C    C  N N 110 
GLU O    O  N N 111 
GLU CB   C  N N 112 
GLU CG   C  N N 113 
GLU CD   C  N N 114 
GLU OE1  O  N N 115 
GLU OE2  O  N N 116 
GLU OXT  O  N N 117 
GLU H    H  N N 118 
GLU H2   H  N N 119 
GLU HA   H  N N 120 
GLU HB2  H  N N 121 
GLU HB3  H  N N 122 
GLU HG2  H  N N 123 
GLU HG3  H  N N 124 
GLU HE2  H  N N 125 
GLU HXT  H  N N 126 
GLY N    N  N N 127 
GLY CA   C  N N 128 
GLY C    C  N N 129 
GLY O    O  N N 130 
GLY OXT  O  N N 131 
GLY H    H  N N 132 
GLY H2   H  N N 133 
GLY HA2  H  N N 134 
GLY HA3  H  N N 135 
GLY HXT  H  N N 136 
HOH O    O  N N 137 
HOH H1   H  N N 138 
HOH H2   H  N N 139 
LEU N    N  N N 140 
LEU CA   C  N S 141 
LEU C    C  N N 142 
LEU O    O  N N 143 
LEU CB   C  N N 144 
LEU CG   C  N N 145 
LEU CD1  C  N N 146 
LEU CD2  C  N N 147 
LEU OXT  O  N N 148 
LEU H    H  N N 149 
LEU H2   H  N N 150 
LEU HA   H  N N 151 
LEU HB2  H  N N 152 
LEU HB3  H  N N 153 
LEU HG   H  N N 154 
LEU HD11 H  N N 155 
LEU HD12 H  N N 156 
LEU HD13 H  N N 157 
LEU HD21 H  N N 158 
LEU HD22 H  N N 159 
LEU HD23 H  N N 160 
LEU HXT  H  N N 161 
LYS N    N  N N 162 
LYS CA   C  N S 163 
LYS C    C  N N 164 
LYS O    O  N N 165 
LYS CB   C  N N 166 
LYS CG   C  N N 167 
LYS CD   C  N N 168 
LYS CE   C  N N 169 
LYS NZ   N  N N 170 
LYS OXT  O  N N 171 
LYS H    H  N N 172 
LYS H2   H  N N 173 
LYS HA   H  N N 174 
LYS HB2  H  N N 175 
LYS HB3  H  N N 176 
LYS HG2  H  N N 177 
LYS HG3  H  N N 178 
LYS HD2  H  N N 179 
LYS HD3  H  N N 180 
LYS HE2  H  N N 181 
LYS HE3  H  N N 182 
LYS HZ1  H  N N 183 
LYS HZ2  H  N N 184 
LYS HZ3  H  N N 185 
LYS HXT  H  N N 186 
MSE N    N  N N 187 
MSE CA   C  N S 188 
MSE C    C  N N 189 
MSE O    O  N N 190 
MSE OXT  O  N N 191 
MSE CB   C  N N 192 
MSE CG   C  N N 193 
MSE SE   SE N N 194 
MSE CE   C  N N 195 
MSE H    H  N N 196 
MSE H2   H  N N 197 
MSE HA   H  N N 198 
MSE HXT  H  N N 199 
MSE HB2  H  N N 200 
MSE HB3  H  N N 201 
MSE HG2  H  N N 202 
MSE HG3  H  N N 203 
MSE HE1  H  N N 204 
MSE HE2  H  N N 205 
MSE HE3  H  N N 206 
PHE N    N  N N 207 
PHE CA   C  N S 208 
PHE C    C  N N 209 
PHE O    O  N N 210 
PHE CB   C  N N 211 
PHE CG   C  Y N 212 
PHE CD1  C  Y N 213 
PHE CD2  C  Y N 214 
PHE CE1  C  Y N 215 
PHE CE2  C  Y N 216 
PHE CZ   C  Y N 217 
PHE OXT  O  N N 218 
PHE H    H  N N 219 
PHE H2   H  N N 220 
PHE HA   H  N N 221 
PHE HB2  H  N N 222 
PHE HB3  H  N N 223 
PHE HD1  H  N N 224 
PHE HD2  H  N N 225 
PHE HE1  H  N N 226 
PHE HE2  H  N N 227 
PHE HZ   H  N N 228 
PHE HXT  H  N N 229 
PRO N    N  N N 230 
PRO CA   C  N S 231 
PRO C    C  N N 232 
PRO O    O  N N 233 
PRO CB   C  N N 234 
PRO CG   C  N N 235 
PRO CD   C  N N 236 
PRO OXT  O  N N 237 
PRO H    H  N N 238 
PRO HA   H  N N 239 
PRO HB2  H  N N 240 
PRO HB3  H  N N 241 
PRO HG2  H  N N 242 
PRO HG3  H  N N 243 
PRO HD2  H  N N 244 
PRO HD3  H  N N 245 
PRO HXT  H  N N 246 
SER N    N  N N 247 
SER CA   C  N S 248 
SER C    C  N N 249 
SER O    O  N N 250 
SER CB   C  N N 251 
SER OG   O  N N 252 
SER OXT  O  N N 253 
SER H    H  N N 254 
SER H2   H  N N 255 
SER HA   H  N N 256 
SER HB2  H  N N 257 
SER HB3  H  N N 258 
SER HG   H  N N 259 
SER HXT  H  N N 260 
THR N    N  N N 261 
THR CA   C  N S 262 
THR C    C  N N 263 
THR O    O  N N 264 
THR CB   C  N R 265 
THR OG1  O  N N 266 
THR CG2  C  N N 267 
THR OXT  O  N N 268 
THR H    H  N N 269 
THR H2   H  N N 270 
THR HA   H  N N 271 
THR HB   H  N N 272 
THR HG1  H  N N 273 
THR HG21 H  N N 274 
THR HG22 H  N N 275 
THR HG23 H  N N 276 
THR HXT  H  N N 277 
TRP N    N  N N 278 
TRP CA   C  N S 279 
TRP C    C  N N 280 
TRP O    O  N N 281 
TRP CB   C  N N 282 
TRP CG   C  Y N 283 
TRP CD1  C  Y N 284 
TRP CD2  C  Y N 285 
TRP NE1  N  Y N 286 
TRP CE2  C  Y N 287 
TRP CE3  C  Y N 288 
TRP CZ2  C  Y N 289 
TRP CZ3  C  Y N 290 
TRP CH2  C  Y N 291 
TRP OXT  O  N N 292 
TRP H    H  N N 293 
TRP H2   H  N N 294 
TRP HA   H  N N 295 
TRP HB2  H  N N 296 
TRP HB3  H  N N 297 
TRP HD1  H  N N 298 
TRP HE1  H  N N 299 
TRP HE3  H  N N 300 
TRP HZ2  H  N N 301 
TRP HZ3  H  N N 302 
TRP HH2  H  N N 303 
TRP HXT  H  N N 304 
TYR N    N  N N 305 
TYR CA   C  N S 306 
TYR C    C  N N 307 
TYR O    O  N N 308 
TYR CB   C  N N 309 
TYR CG   C  Y N 310 
TYR CD1  C  Y N 311 
TYR CD2  C  Y N 312 
TYR CE1  C  Y N 313 
TYR CE2  C  Y N 314 
TYR CZ   C  Y N 315 
TYR OH   O  N N 316 
TYR OXT  O  N N 317 
TYR H    H  N N 318 
TYR H2   H  N N 319 
TYR HA   H  N N 320 
TYR HB2  H  N N 321 
TYR HB3  H  N N 322 
TYR HD1  H  N N 323 
TYR HD2  H  N N 324 
TYR HE1  H  N N 325 
TYR HE2  H  N N 326 
TYR HH   H  N N 327 
TYR HXT  H  N N 328 
VAL N    N  N N 329 
VAL CA   C  N S 330 
VAL C    C  N N 331 
VAL O    O  N N 332 
VAL CB   C  N N 333 
VAL CG1  C  N N 334 
VAL CG2  C  N N 335 
VAL OXT  O  N N 336 
VAL H    H  N N 337 
VAL H2   H  N N 338 
VAL HA   H  N N 339 
VAL HB   H  N N 340 
VAL HG11 H  N N 341 
VAL HG12 H  N N 342 
VAL HG13 H  N N 343 
VAL HG21 H  N N 344 
VAL HG22 H  N N 345 
VAL HG23 H  N N 346 
VAL HXT  H  N N 347 
# 
loop_
_chem_comp_bond.comp_id 
_chem_comp_bond.atom_id_1 
_chem_comp_bond.atom_id_2 
_chem_comp_bond.value_order 
_chem_comp_bond.pdbx_aromatic_flag 
_chem_comp_bond.pdbx_stereo_config 
_chem_comp_bond.pdbx_ordinal 
ALA N   CA   sing N N 1   
ALA N   H    sing N N 2   
ALA N   H2   sing N N 3   
ALA CA  C    sing N N 4   
ALA CA  CB   sing N N 5   
ALA CA  HA   sing N N 6   
ALA C   O    doub N N 7   
ALA C   OXT  sing N N 8   
ALA CB  HB1  sing N N 9   
ALA CB  HB2  sing N N 10  
ALA CB  HB3  sing N N 11  
ALA OXT HXT  sing N N 12  
ARG N   CA   sing N N 13  
ARG N   H    sing N N 14  
ARG N   H2   sing N N 15  
ARG CA  C    sing N N 16  
ARG CA  CB   sing N N 17  
ARG CA  HA   sing N N 18  
ARG C   O    doub N N 19  
ARG C   OXT  sing N N 20  
ARG CB  CG   sing N N 21  
ARG CB  HB2  sing N N 22  
ARG CB  HB3  sing N N 23  
ARG CG  CD   sing N N 24  
ARG CG  HG2  sing N N 25  
ARG CG  HG3  sing N N 26  
ARG CD  NE   sing N N 27  
ARG CD  HD2  sing N N 28  
ARG CD  HD3  sing N N 29  
ARG NE  CZ   sing N N 30  
ARG NE  HE   sing N N 31  
ARG CZ  NH1  sing N N 32  
ARG CZ  NH2  doub N N 33  
ARG NH1 HH11 sing N N 34  
ARG NH1 HH12 sing N N 35  
ARG NH2 HH21 sing N N 36  
ARG NH2 HH22 sing N N 37  
ARG OXT HXT  sing N N 38  
ASN N   CA   sing N N 39  
ASN N   H    sing N N 40  
ASN N   H2   sing N N 41  
ASN CA  C    sing N N 42  
ASN CA  CB   sing N N 43  
ASN CA  HA   sing N N 44  
ASN C   O    doub N N 45  
ASN C   OXT  sing N N 46  
ASN CB  CG   sing N N 47  
ASN CB  HB2  sing N N 48  
ASN CB  HB3  sing N N 49  
ASN CG  OD1  doub N N 50  
ASN CG  ND2  sing N N 51  
ASN ND2 HD21 sing N N 52  
ASN ND2 HD22 sing N N 53  
ASN OXT HXT  sing N N 54  
ASP N   CA   sing N N 55  
ASP N   H    sing N N 56  
ASP N   H2   sing N N 57  
ASP CA  C    sing N N 58  
ASP CA  CB   sing N N 59  
ASP CA  HA   sing N N 60  
ASP C   O    doub N N 61  
ASP C   OXT  sing N N 62  
ASP CB  CG   sing N N 63  
ASP CB  HB2  sing N N 64  
ASP CB  HB3  sing N N 65  
ASP CG  OD1  doub N N 66  
ASP CG  OD2  sing N N 67  
ASP OD2 HD2  sing N N 68  
ASP OXT HXT  sing N N 69  
CYS N   CA   sing N N 70  
CYS N   H    sing N N 71  
CYS N   H2   sing N N 72  
CYS CA  C    sing N N 73  
CYS CA  CB   sing N N 74  
CYS CA  HA   sing N N 75  
CYS C   O    doub N N 76  
CYS C   OXT  sing N N 77  
CYS CB  SG   sing N N 78  
CYS CB  HB2  sing N N 79  
CYS CB  HB3  sing N N 80  
CYS SG  HG   sing N N 81  
CYS OXT HXT  sing N N 82  
GLN N   CA   sing N N 83  
GLN N   H    sing N N 84  
GLN N   H2   sing N N 85  
GLN CA  C    sing N N 86  
GLN CA  CB   sing N N 87  
GLN CA  HA   sing N N 88  
GLN C   O    doub N N 89  
GLN C   OXT  sing N N 90  
GLN CB  CG   sing N N 91  
GLN CB  HB2  sing N N 92  
GLN CB  HB3  sing N N 93  
GLN CG  CD   sing N N 94  
GLN CG  HG2  sing N N 95  
GLN CG  HG3  sing N N 96  
GLN CD  OE1  doub N N 97  
GLN CD  NE2  sing N N 98  
GLN NE2 HE21 sing N N 99  
GLN NE2 HE22 sing N N 100 
GLN OXT HXT  sing N N 101 
GLU N   CA   sing N N 102 
GLU N   H    sing N N 103 
GLU N   H2   sing N N 104 
GLU CA  C    sing N N 105 
GLU CA  CB   sing N N 106 
GLU CA  HA   sing N N 107 
GLU C   O    doub N N 108 
GLU C   OXT  sing N N 109 
GLU CB  CG   sing N N 110 
GLU CB  HB2  sing N N 111 
GLU CB  HB3  sing N N 112 
GLU CG  CD   sing N N 113 
GLU CG  HG2  sing N N 114 
GLU CG  HG3  sing N N 115 
GLU CD  OE1  doub N N 116 
GLU CD  OE2  sing N N 117 
GLU OE2 HE2  sing N N 118 
GLU OXT HXT  sing N N 119 
GLY N   CA   sing N N 120 
GLY N   H    sing N N 121 
GLY N   H2   sing N N 122 
GLY CA  C    sing N N 123 
GLY CA  HA2  sing N N 124 
GLY CA  HA3  sing N N 125 
GLY C   O    doub N N 126 
GLY C   OXT  sing N N 127 
GLY OXT HXT  sing N N 128 
HOH O   H1   sing N N 129 
HOH O   H2   sing N N 130 
LEU N   CA   sing N N 131 
LEU N   H    sing N N 132 
LEU N   H2   sing N N 133 
LEU CA  C    sing N N 134 
LEU CA  CB   sing N N 135 
LEU CA  HA   sing N N 136 
LEU C   O    doub N N 137 
LEU C   OXT  sing N N 138 
LEU CB  CG   sing N N 139 
LEU CB  HB2  sing N N 140 
LEU CB  HB3  sing N N 141 
LEU CG  CD1  sing N N 142 
LEU CG  CD2  sing N N 143 
LEU CG  HG   sing N N 144 
LEU CD1 HD11 sing N N 145 
LEU CD1 HD12 sing N N 146 
LEU CD1 HD13 sing N N 147 
LEU CD2 HD21 sing N N 148 
LEU CD2 HD22 sing N N 149 
LEU CD2 HD23 sing N N 150 
LEU OXT HXT  sing N N 151 
LYS N   CA   sing N N 152 
LYS N   H    sing N N 153 
LYS N   H2   sing N N 154 
LYS CA  C    sing N N 155 
LYS CA  CB   sing N N 156 
LYS CA  HA   sing N N 157 
LYS C   O    doub N N 158 
LYS C   OXT  sing N N 159 
LYS CB  CG   sing N N 160 
LYS CB  HB2  sing N N 161 
LYS CB  HB3  sing N N 162 
LYS CG  CD   sing N N 163 
LYS CG  HG2  sing N N 164 
LYS CG  HG3  sing N N 165 
LYS CD  CE   sing N N 166 
LYS CD  HD2  sing N N 167 
LYS CD  HD3  sing N N 168 
LYS CE  NZ   sing N N 169 
LYS CE  HE2  sing N N 170 
LYS CE  HE3  sing N N 171 
LYS NZ  HZ1  sing N N 172 
LYS NZ  HZ2  sing N N 173 
LYS NZ  HZ3  sing N N 174 
LYS OXT HXT  sing N N 175 
MSE N   CA   sing N N 176 
MSE N   H    sing N N 177 
MSE N   H2   sing N N 178 
MSE CA  C    sing N N 179 
MSE CA  CB   sing N N 180 
MSE CA  HA   sing N N 181 
MSE C   O    doub N N 182 
MSE C   OXT  sing N N 183 
MSE OXT HXT  sing N N 184 
MSE CB  CG   sing N N 185 
MSE CB  HB2  sing N N 186 
MSE CB  HB3  sing N N 187 
MSE CG  SE   sing N N 188 
MSE CG  HG2  sing N N 189 
MSE CG  HG3  sing N N 190 
MSE SE  CE   sing N N 191 
MSE CE  HE1  sing N N 192 
MSE CE  HE2  sing N N 193 
MSE CE  HE3  sing N N 194 
PHE N   CA   sing N N 195 
PHE N   H    sing N N 196 
PHE N   H2   sing N N 197 
PHE CA  C    sing N N 198 
PHE CA  CB   sing N N 199 
PHE CA  HA   sing N N 200 
PHE C   O    doub N N 201 
PHE C   OXT  sing N N 202 
PHE CB  CG   sing N N 203 
PHE CB  HB2  sing N N 204 
PHE CB  HB3  sing N N 205 
PHE CG  CD1  doub Y N 206 
PHE CG  CD2  sing Y N 207 
PHE CD1 CE1  sing Y N 208 
PHE CD1 HD1  sing N N 209 
PHE CD2 CE2  doub Y N 210 
PHE CD2 HD2  sing N N 211 
PHE CE1 CZ   doub Y N 212 
PHE CE1 HE1  sing N N 213 
PHE CE2 CZ   sing Y N 214 
PHE CE2 HE2  sing N N 215 
PHE CZ  HZ   sing N N 216 
PHE OXT HXT  sing N N 217 
PRO N   CA   sing N N 218 
PRO N   CD   sing N N 219 
PRO N   H    sing N N 220 
PRO CA  C    sing N N 221 
PRO CA  CB   sing N N 222 
PRO CA  HA   sing N N 223 
PRO C   O    doub N N 224 
PRO C   OXT  sing N N 225 
PRO CB  CG   sing N N 226 
PRO CB  HB2  sing N N 227 
PRO CB  HB3  sing N N 228 
PRO CG  CD   sing N N 229 
PRO CG  HG2  sing N N 230 
PRO CG  HG3  sing N N 231 
PRO CD  HD2  sing N N 232 
PRO CD  HD3  sing N N 233 
PRO OXT HXT  sing N N 234 
SER N   CA   sing N N 235 
SER N   H    sing N N 236 
SER N   H2   sing N N 237 
SER CA  C    sing N N 238 
SER CA  CB   sing N N 239 
SER CA  HA   sing N N 240 
SER C   O    doub N N 241 
SER C   OXT  sing N N 242 
SER CB  OG   sing N N 243 
SER CB  HB2  sing N N 244 
SER CB  HB3  sing N N 245 
SER OG  HG   sing N N 246 
SER OXT HXT  sing N N 247 
THR N   CA   sing N N 248 
THR N   H    sing N N 249 
THR N   H2   sing N N 250 
THR CA  C    sing N N 251 
THR CA  CB   sing N N 252 
THR CA  HA   sing N N 253 
THR C   O    doub N N 254 
THR C   OXT  sing N N 255 
THR CB  OG1  sing N N 256 
THR CB  CG2  sing N N 257 
THR CB  HB   sing N N 258 
THR OG1 HG1  sing N N 259 
THR CG2 HG21 sing N N 260 
THR CG2 HG22 sing N N 261 
THR CG2 HG23 sing N N 262 
THR OXT HXT  sing N N 263 
TRP N   CA   sing N N 264 
TRP N   H    sing N N 265 
TRP N   H2   sing N N 266 
TRP CA  C    sing N N 267 
TRP CA  CB   sing N N 268 
TRP CA  HA   sing N N 269 
TRP C   O    doub N N 270 
TRP C   OXT  sing N N 271 
TRP CB  CG   sing N N 272 
TRP CB  HB2  sing N N 273 
TRP CB  HB3  sing N N 274 
TRP CG  CD1  doub Y N 275 
TRP CG  CD2  sing Y N 276 
TRP CD1 NE1  sing Y N 277 
TRP CD1 HD1  sing N N 278 
TRP CD2 CE2  doub Y N 279 
TRP CD2 CE3  sing Y N 280 
TRP NE1 CE2  sing Y N 281 
TRP NE1 HE1  sing N N 282 
TRP CE2 CZ2  sing Y N 283 
TRP CE3 CZ3  doub Y N 284 
TRP CE3 HE3  sing N N 285 
TRP CZ2 CH2  doub Y N 286 
TRP CZ2 HZ2  sing N N 287 
TRP CZ3 CH2  sing Y N 288 
TRP CZ3 HZ3  sing N N 289 
TRP CH2 HH2  sing N N 290 
TRP OXT HXT  sing N N 291 
TYR N   CA   sing N N 292 
TYR N   H    sing N N 293 
TYR N   H2   sing N N 294 
TYR CA  C    sing N N 295 
TYR CA  CB   sing N N 296 
TYR CA  HA   sing N N 297 
TYR C   O    doub N N 298 
TYR C   OXT  sing N N 299 
TYR CB  CG   sing N N 300 
TYR CB  HB2  sing N N 301 
TYR CB  HB3  sing N N 302 
TYR CG  CD1  doub Y N 303 
TYR CG  CD2  sing Y N 304 
TYR CD1 CE1  sing Y N 305 
TYR CD1 HD1  sing N N 306 
TYR CD2 CE2  doub Y N 307 
TYR CD2 HD2  sing N N 308 
TYR CE1 CZ   doub Y N 309 
TYR CE1 HE1  sing N N 310 
TYR CE2 CZ   sing Y N 311 
TYR CE2 HE2  sing N N 312 
TYR CZ  OH   sing N N 313 
TYR OH  HH   sing N N 314 
TYR OXT HXT  sing N N 315 
VAL N   CA   sing N N 316 
VAL N   H    sing N N 317 
VAL N   H2   sing N N 318 
VAL CA  C    sing N N 319 
VAL CA  CB   sing N N 320 
VAL CA  HA   sing N N 321 
VAL C   O    doub N N 322 
VAL C   OXT  sing N N 323 
VAL CB  CG1  sing N N 324 
VAL CB  CG2  sing N N 325 
VAL CB  HB   sing N N 326 
VAL CG1 HG11 sing N N 327 
VAL CG1 HG12 sing N N 328 
VAL CG1 HG13 sing N N 329 
VAL CG2 HG21 sing N N 330 
VAL CG2 HG22 sing N N 331 
VAL CG2 HG23 sing N N 332 
VAL OXT HXT  sing N N 333 
# 
_pdbx_initial_refinement_model.accession_code   ? 
_pdbx_initial_refinement_model.id               1 
_pdbx_initial_refinement_model.entity_id_list   ? 
_pdbx_initial_refinement_model.type             'in silico model' 
_pdbx_initial_refinement_model.source_name      SwissModel 
_pdbx_initial_refinement_model.details          'homology-model (SWISS-MODEL)' 
# 
_atom_sites.entry_id                    2YZ8 
_atom_sites.fract_transf_matrix[1][1]   0.02082282 
_atom_sites.fract_transf_matrix[1][2]   0.00990825 
_atom_sites.fract_transf_matrix[1][3]   -0.00043012 
_atom_sites.fract_transf_matrix[2][1]   0.00186483 
_atom_sites.fract_transf_matrix[2][2]   -0.00489411 
_atom_sites.fract_transf_matrix[2][3]   -0.02246148 
_atom_sites.fract_transf_matrix[3][1]   -0.00412788 
_atom_sites.fract_transf_matrix[3][2]   0.00857898 
_atom_sites.fract_transf_matrix[3][3]   -0.00221198 
_atom_sites.fract_transf_vector[1]      0.099993 
_atom_sites.fract_transf_vector[2]      0.337350 
_atom_sites.fract_transf_vector[3]      0.418738 
# 
loop_
_atom_type.symbol 
C  
N  
O  
S  
SE 
# 
loop_
_atom_site.group_PDB 
_atom_site.id 
_atom_site.type_symbol 
_atom_site.label_atom_id 
_atom_site.label_alt_id 
_atom_site.label_comp_id 
_atom_site.label_asym_id 
_atom_site.label_entity_id 
_atom_site.label_seq_id 
_atom_site.pdbx_PDB_ins_code 
_atom_site.Cartn_x 
_atom_site.Cartn_y 
_atom_site.Cartn_z 
_atom_site.occupancy 
_atom_site.B_iso_or_equiv 
_atom_site.pdbx_formal_charge 
_atom_site.auth_seq_id 
_atom_site.auth_comp_id 
_atom_site.auth_asym_id 
_atom_site.auth_atom_id 
_atom_site.pdbx_PDB_model_num 
ATOM   1   N  N   . PRO A 1 8  ? 22.287  2.446   3.401   1.00 24.42 ? 459 PRO A N   1 
ATOM   2   C  CA  . PRO A 1 8  ? 20.999  2.585   4.080   1.00 24.40 ? 459 PRO A CA  1 
ATOM   3   C  C   . PRO A 1 8  ? 19.823  2.414   3.117   1.00 24.37 ? 459 PRO A C   1 
ATOM   4   O  O   . PRO A 1 8  ? 19.846  2.949   2.006   1.00 24.49 ? 459 PRO A O   1 
ATOM   5   C  CB  . PRO A 1 8  ? 21.046  4.011   4.638   1.00 24.43 ? 459 PRO A CB  1 
ATOM   6   C  CG  . PRO A 1 8  ? 22.073  4.720   3.813   1.00 24.45 ? 459 PRO A CG  1 
ATOM   7   C  CD  . PRO A 1 8  ? 23.089  3.680   3.470   1.00 24.41 ? 459 PRO A CD  1 
ATOM   8   N  N   . VAL A 1 9  ? 18.804  1.675   3.552   1.00 24.16 ? 460 VAL A N   1 
ATOM   9   C  CA  . VAL A 1 9  ? 17.700  1.267   2.683   1.00 24.02 ? 460 VAL A CA  1 
ATOM   10  C  C   . VAL A 1 9  ? 16.714  2.408   2.410   1.00 24.02 ? 460 VAL A C   1 
ATOM   11  O  O   . VAL A 1 9  ? 16.206  3.043   3.337   1.00 24.16 ? 460 VAL A O   1 
ATOM   12  C  CB  . VAL A 1 9  ? 16.959  0.027   3.253   1.00 24.01 ? 460 VAL A CB  1 
ATOM   13  C  CG1 . VAL A 1 9  ? 15.771  -0.355  2.375   1.00 23.74 ? 460 VAL A CG1 1 
ATOM   14  C  CG2 . VAL A 1 9  ? 17.919  -1.155  3.400   1.00 23.83 ? 460 VAL A CG2 1 
ATOM   15  N  N   . ARG A 1 10 ? 16.458  2.655   1.128   1.00 23.84 ? 461 ARG A N   1 
ATOM   16  C  CA  . ARG A 1 10 ? 15.563  3.719   0.679   1.00 23.94 ? 461 ARG A CA  1 
ATOM   17  C  C   . ARG A 1 10 ? 14.483  3.148   -0.234  1.00 23.86 ? 461 ARG A C   1 
ATOM   18  O  O   . ARG A 1 10 ? 14.687  2.114   -0.872  1.00 24.01 ? 461 ARG A O   1 
ATOM   19  C  CB  . ARG A 1 10 ? 16.356  4.786   -0.090  1.00 23.87 ? 461 ARG A CB  1 
ATOM   20  C  CG  . ARG A 1 10 ? 16.877  5.976   0.726   1.00 24.69 ? 461 ARG A CG  1 
ATOM   21  C  CD  . ARG A 1 10 ? 17.806  5.581   1.868   1.00 25.29 ? 461 ARG A CD  1 
ATOM   22  N  NE  . ARG A 1 10 ? 18.676  6.679   2.291   1.00 25.95 ? 461 ARG A NE  1 
ATOM   23  C  CZ  . ARG A 1 10 ? 19.117  6.856   3.535   1.00 26.41 ? 461 ARG A CZ  1 
ATOM   24  N  NH1 . ARG A 1 10 ? 18.754  6.022   4.502   1.00 26.58 ? 461 ARG A NH1 1 
ATOM   25  N  NH2 . ARG A 1 10 ? 19.913  7.879   3.820   1.00 26.71 ? 461 ARG A NH2 1 
ATOM   26  N  N   . PHE A 1 11 ? 13.338  3.821   -0.303  1.00 24.07 ? 462 PHE A N   1 
ATOM   27  C  CA  . PHE A 1 11 ? 12.340  3.497   -1.319  1.00 24.02 ? 462 PHE A CA  1 
ATOM   28  C  C   . PHE A 1 11 ? 12.848  3.952   -2.680  1.00 24.27 ? 462 PHE A C   1 
ATOM   29  O  O   . PHE A 1 11 ? 12.853  5.138   -2.989  1.00 24.30 ? 462 PHE A O   1 
ATOM   30  C  CB  . PHE A 1 11 ? 10.970  4.100   -0.979  1.00 23.98 ? 462 PHE A CB  1 
ATOM   31  C  CG  . PHE A 1 11 ? 10.276  3.392   0.149   1.00 22.99 ? 462 PHE A CG  1 
ATOM   32  C  CD1 . PHE A 1 11 ? 10.303  3.916   1.437   1.00 22.48 ? 462 PHE A CD1 1 
ATOM   33  C  CD2 . PHE A 1 11 ? 9.634   2.176   -0.071  1.00 22.47 ? 462 PHE A CD2 1 
ATOM   34  C  CE1 . PHE A 1 11 ? 9.677   3.250   2.495   1.00 22.19 ? 462 PHE A CE1 1 
ATOM   35  C  CE2 . PHE A 1 11 ? 9.006   1.501   0.983   1.00 22.40 ? 462 PHE A CE2 1 
ATOM   36  C  CZ  . PHE A 1 11 ? 9.027   2.040   2.264   1.00 22.42 ? 462 PHE A CZ  1 
ATOM   37  N  N   . GLN A 1 12 ? 13.320  2.990   -3.468  1.00 24.41 ? 463 GLN A N   1 
ATOM   38  C  CA  . GLN A 1 12 ? 13.877  3.258   -4.791  1.00 24.52 ? 463 GLN A CA  1 
ATOM   39  C  C   . GLN A 1 12 ? 12.775  3.665   -5.767  1.00 24.60 ? 463 GLN A C   1 
ATOM   40  O  O   . GLN A 1 12 ? 12.971  4.548   -6.604  1.00 24.26 ? 463 GLN A O   1 
ATOM   41  C  CB  . GLN A 1 12 ? 14.620  2.024   -5.303  1.00 24.87 ? 463 GLN A CB  1 
ATOM   42  C  CG  . GLN A 1 12 ? 15.244  2.197   -6.674  1.00 25.11 ? 463 GLN A CG  1 
ATOM   43  C  CD  . GLN A 1 12 ? 16.269  1.143   -6.966  1.00 26.01 ? 463 GLN A CD  1 
ATOM   44  O  OE1 . GLN A 1 12 ? 17.029  0.742   -6.085  1.00 26.47 ? 463 GLN A OE1 1 
ATOM   45  N  NE2 . GLN A 1 12 ? 16.315  0.693   -8.213  1.00 27.05 ? 463 GLN A NE2 1 
ATOM   46  N  N   . GLU A 1 13 ? 11.622  3.010   -5.650  1.00 24.39 ? 464 GLU A N   1 
ATOM   47  C  CA  . GLU A 1 13 ? 10.431  3.386   -6.409  1.00 24.41 ? 464 GLU A CA  1 
ATOM   48  C  C   . GLU A 1 13 ? 9.301   3.709   -5.446  1.00 24.43 ? 464 GLU A C   1 
ATOM   49  O  O   . GLU A 1 13 ? 8.901   2.875   -4.629  1.00 24.48 ? 464 GLU A O   1 
ATOM   50  C  CB  . GLU A 1 13 ? 10.012  2.277   -7.376  1.00 24.38 ? 464 GLU A CB  1 
ATOM   51  C  CG  . GLU A 1 13 ? 10.957  2.082   -8.558  1.00 24.37 ? 464 GLU A CG  1 
ATOM   52  N  N   . ALA A 1 14 ? 8.804   4.934   -5.550  1.00 24.10 ? 465 ALA A N   1 
ATOM   53  C  CA  . ALA A 1 14 ? 7.739   5.431   -4.694  1.00 24.16 ? 465 ALA A CA  1 
ATOM   54  C  C   . ALA A 1 14 ? 6.389   4.773   -5.000  1.00 23.93 ? 465 ALA A C   1 
ATOM   55  O  O   . ALA A 1 14 ? 6.164   4.292   -6.108  1.00 24.31 ? 465 ALA A O   1 
ATOM   56  C  CB  . ALA A 1 14 ? 7.634   6.954   -4.835  1.00 23.82 ? 465 ALA A CB  1 
ATOM   57  N  N   . LEU A 1 15 ? 5.509   4.744   -4.001  1.00 23.72 ? 466 LEU A N   1 
ATOM   58  C  CA  . LEU A 1 15 ? 4.086   4.439   -4.203  1.00 23.53 ? 466 LEU A CA  1 
ATOM   59  C  C   . LEU A 1 15 ? 3.448   5.391   -5.212  1.00 23.57 ? 466 LEU A C   1 
ATOM   60  O  O   . LEU A 1 15 ? 3.751   6.582   -5.222  1.00 23.51 ? 466 LEU A O   1 
ATOM   61  C  CB  . LEU A 1 15 ? 3.323   4.557   -2.880  1.00 23.29 ? 466 LEU A CB  1 
ATOM   62  C  CG  . LEU A 1 15 ? 3.390   3.402   -1.886  1.00 22.70 ? 466 LEU A CG  1 
ATOM   63  C  CD1 . LEU A 1 15 ? 2.771   3.834   -0.557  1.00 22.45 ? 466 LEU A CD1 1 
ATOM   64  C  CD2 . LEU A 1 15 ? 2.683   2.184   -2.454  1.00 20.88 ? 466 LEU A CD2 1 
ATOM   65  N  N   . LYS A 1 16 ? 2.552   4.857   -6.037  1.00 23.72 ? 467 LYS A N   1 
ATOM   66  C  CA  . LYS A 1 16 ? 1.867   5.630   -7.070  1.00 23.77 ? 467 LYS A CA  1 
ATOM   67  C  C   . LYS A 1 16 ? 0.396   5.815   -6.712  1.00 23.98 ? 467 LYS A C   1 
ATOM   68  O  O   . LYS A 1 16 ? -0.229  4.907   -6.153  1.00 24.17 ? 467 LYS A O   1 
ATOM   69  C  CB  . LYS A 1 16 ? 1.972   4.925   -8.424  1.00 23.78 ? 467 LYS A CB  1 
ATOM   70  C  CG  . LYS A 1 16 ? 3.383   4.841   -8.996  1.00 23.74 ? 467 LYS A CG  1 
ATOM   71  N  N   . ASP A 1 17 ? -0.143  6.993   -7.023  1.00 23.93 ? 468 ASP A N   1 
ATOM   72  C  CA  . ASP A 1 17 ? -1.573  7.266   -6.889  1.00 24.19 ? 468 ASP A CA  1 
ATOM   73  C  C   . ASP A 1 17 ? -2.359  6.348   -7.816  1.00 24.22 ? 468 ASP A C   1 
ATOM   74  O  O   . ASP A 1 17 ? -2.024  6.228   -8.995  1.00 24.47 ? 468 ASP A O   1 
ATOM   75  C  CB  . ASP A 1 17 ? -1.891  8.717   -7.270  1.00 24.27 ? 468 ASP A CB  1 
ATOM   76  C  CG  . ASP A 1 17 ? -1.299  9.732   -6.304  1.00 25.00 ? 468 ASP A CG  1 
ATOM   77  O  OD1 . ASP A 1 17 ? -0.998  10.857  -6.756  1.00 26.08 ? 468 ASP A OD1 1 
ATOM   78  O  OD2 . ASP A 1 17 ? -1.149  9.429   -5.101  1.00 24.83 ? 468 ASP A OD2 1 
ATOM   79  N  N   . LEU A 1 18 ? -3.404  5.717   -7.290  1.00 23.87 ? 469 LEU A N   1 
ATOM   80  C  CA  . LEU A 1 18 ? -4.255  4.842   -8.103  1.00 23.86 ? 469 LEU A CA  1 
ATOM   81  C  C   . LEU A 1 18 ? -5.744  5.143   -8.029  1.00 23.34 ? 469 LEU A C   1 
ATOM   82  O  O   . LEU A 1 18 ? -6.238  5.676   -7.037  1.00 23.14 ? 469 LEU A O   1 
ATOM   83  C  CB  . LEU A 1 18 ? -4.019  3.358   -7.793  1.00 24.01 ? 469 LEU A CB  1 
ATOM   84  C  CG  . LEU A 1 18 ? -3.169  2.829   -6.644  1.00 24.77 ? 469 LEU A CG  1 
ATOM   85  C  CD1 . LEU A 1 18 ? -3.658  3.305   -5.285  1.00 26.11 ? 469 LEU A CD1 1 
ATOM   86  C  CD2 . LEU A 1 18 ? -3.178  1.306   -6.715  1.00 24.14 ? 469 LEU A CD2 1 
ATOM   87  N  N   . GLU A 1 19 ? -6.441  4.781   -9.101  1.00 23.04 ? 470 GLU A N   1 
ATOM   88  C  CA  . GLU A 1 19 ? -7.893  4.871   -9.181  1.00 23.14 ? 470 GLU A CA  1 
ATOM   89  C  C   . GLU A 1 19 ? -8.443  3.503   -9.571  1.00 22.80 ? 470 GLU A C   1 
ATOM   90  O  O   . GLU A 1 19 ? -8.102  2.972   -10.627 1.00 22.58 ? 470 GLU A O   1 
ATOM   91  C  CB  . GLU A 1 19 ? -8.316  5.932   -10.199 1.00 23.07 ? 470 GLU A CB  1 
ATOM   92  C  CG  . GLU A 1 19 ? -9.820  6.165   -10.246 1.00 24.60 ? 470 GLU A CG  1 
ATOM   93  C  CD  . GLU A 1 19 ? -10.265 6.968   -11.458 1.00 26.71 ? 470 GLU A CD  1 
ATOM   94  O  OE1 . GLU A 1 19 ? -11.026 6.415   -12.284 1.00 28.27 ? 470 GLU A OE1 1 
ATOM   95  O  OE2 . GLU A 1 19 ? -9.865  8.146   -11.587 1.00 28.01 ? 470 GLU A OE2 1 
ATOM   96  N  N   . VAL A 1 20 ? -9.287  2.938   -8.712  1.00 22.74 ? 471 VAL A N   1 
ATOM   97  C  CA  . VAL A 1 20 ? -9.797  1.577   -8.896  1.00 22.87 ? 471 VAL A CA  1 
ATOM   98  C  C   . VAL A 1 20 ? -11.315 1.562   -8.720  1.00 22.91 ? 471 VAL A C   1 
ATOM   99  O  O   . VAL A 1 20 ? -11.853 2.335   -7.927  1.00 22.56 ? 471 VAL A O   1 
ATOM   100 C  CB  . VAL A 1 20 ? -9.150  0.589   -7.883  1.00 22.73 ? 471 VAL A CB  1 
ATOM   101 C  CG1 . VAL A 1 20 ? -9.664  -0.833  -8.090  1.00 23.48 ? 471 VAL A CG1 1 
ATOM   102 C  CG2 . VAL A 1 20 ? -7.631  0.604   -7.992  1.00 22.62 ? 471 VAL A CG2 1 
ATOM   103 N  N   . LEU A 1 21 ? -11.990 0.683   -9.461  1.00 22.91 ? 472 LEU A N   1 
ATOM   104 C  CA  . LEU A 1 21 ? -13.434 0.477   -9.313  1.00 23.09 ? 472 LEU A CA  1 
ATOM   105 C  C   . LEU A 1 21 ? -13.789 -0.114  -7.951  1.00 23.04 ? 472 LEU A C   1 
ATOM   106 O  O   . LEU A 1 21 ? -13.024 -0.897  -7.384  1.00 23.15 ? 472 LEU A O   1 
ATOM   107 C  CB  . LEU A 1 21 ? -13.980 -0.441  -10.418 1.00 23.11 ? 472 LEU A CB  1 
ATOM   108 C  CG  . LEU A 1 21 ? -14.310 0.061   -11.836 1.00 23.99 ? 472 LEU A CG  1 
ATOM   109 C  CD1 . LEU A 1 21 ? -15.125 1.360   -11.825 1.00 23.59 ? 472 LEU A CD1 1 
ATOM   110 C  CD2 . LEU A 1 21 ? -13.058 0.217   -12.699 1.00 24.85 ? 472 LEU A CD2 1 
ATOM   111 N  N   . GLU A 1 22 ? -14.959 0.266   -7.447  1.00 23.10 ? 473 GLU A N   1 
ATOM   112 C  CA  . GLU A 1 22 ? -15.559 -0.323  -6.251  1.00 23.42 ? 473 GLU A CA  1 
ATOM   113 C  C   . GLU A 1 22 ? -15.713 -1.840  -6.421  1.00 23.47 ? 473 GLU A C   1 
ATOM   114 O  O   . GLU A 1 22 ? -15.992 -2.319  -7.523  1.00 23.49 ? 473 GLU A O   1 
ATOM   115 C  CB  . GLU A 1 22 ? -16.933 0.313   -6.019  1.00 23.41 ? 473 GLU A CB  1 
ATOM   116 C  CG  . GLU A 1 22 ? -17.552 0.059   -4.651  1.00 23.88 ? 473 GLU A CG  1 
ATOM   117 C  CD  . GLU A 1 22 ? -18.978 0.584   -4.534  1.00 24.06 ? 473 GLU A CD  1 
ATOM   118 O  OE1 . GLU A 1 22 ? -19.552 1.045   -5.549  1.00 25.05 ? 473 GLU A OE1 1 
ATOM   119 O  OE2 . GLU A 1 22 ? -19.533 0.532   -3.415  1.00 25.25 ? 473 GLU A OE2 1 
ATOM   120 N  N   . GLY A 1 23 ? -15.519 -2.586  -5.336  1.00 23.50 ? 474 GLY A N   1 
ATOM   121 C  CA  . GLY A 1 23 ? -15.750 -4.031  -5.333  1.00 23.77 ? 474 GLY A CA  1 
ATOM   122 C  C   . GLY A 1 23 ? -14.560 -4.907  -5.688  1.00 24.05 ? 474 GLY A C   1 
ATOM   123 O  O   . GLY A 1 23 ? -14.563 -6.109  -5.402  1.00 24.16 ? 474 GLY A O   1 
ATOM   124 N  N   . GLY A 1 24 ? -13.540 -4.317  -6.307  1.00 24.21 ? 475 GLY A N   1 
ATOM   125 C  CA  . GLY A 1 24 ? -12.379 -5.075  -6.759  1.00 24.67 ? 475 GLY A CA  1 
ATOM   126 C  C   . GLY A 1 24 ? -11.352 -5.328  -5.671  1.00 24.79 ? 475 GLY A C   1 
ATOM   127 O  O   . GLY A 1 24 ? -11.694 -5.542  -4.506  1.00 25.05 ? 475 GLY A O   1 
ATOM   128 N  N   . ALA A 1 25 ? -10.086 -5.329  -6.072  1.00 24.81 ? 476 ALA A N   1 
ATOM   129 C  CA  . ALA A 1 25 ? -8.970  -5.350  -5.142  1.00 24.43 ? 476 ALA A CA  1 
ATOM   130 C  C   . ALA A 1 25 ? -7.969  -4.309  -5.610  1.00 24.19 ? 476 ALA A C   1 
ATOM   131 O  O   . ALA A 1 25 ? -7.688  -4.203  -6.803  1.00 24.58 ? 476 ALA A O   1 
ATOM   132 C  CB  . ALA A 1 25 ? -8.330  -6.729  -5.092  1.00 24.70 ? 476 ALA A CB  1 
ATOM   133 N  N   . ALA A 1 26 ? -7.455  -3.525  -4.671  1.00 23.73 ? 477 ALA A N   1 
ATOM   134 C  CA  . ALA A 1 26 ? -6.435  -2.530  -4.976  1.00 23.03 ? 477 ALA A CA  1 
ATOM   135 C  C   . ALA A 1 26 ? -5.066  -3.095  -4.622  1.00 22.40 ? 477 ALA A C   1 
ATOM   136 O  O   . ALA A 1 26 ? -4.869  -3.578  -3.510  1.00 22.41 ? 477 ALA A O   1 
ATOM   137 C  CB  . ALA A 1 26 ? -6.700  -1.255  -4.201  1.00 23.01 ? 477 ALA A CB  1 
ATOM   138 N  N   . THR A 1 27 ? -4.134  -3.049  -5.570  1.00 21.65 ? 478 THR A N   1 
ATOM   139 C  CA  . THR A 1 27 ? -2.756  -3.461  -5.302  1.00 21.12 ? 478 THR A CA  1 
ATOM   140 C  C   . THR A 1 27 ? -1.812  -2.263  -5.316  1.00 20.69 ? 478 THR A C   1 
ATOM   141 O  O   . THR A 1 27 ? -1.514  -1.709  -6.377  1.00 20.89 ? 478 THR A O   1 
ATOM   142 C  CB  . THR A 1 27 ? -2.257  -4.537  -6.289  1.00 20.91 ? 478 THR A CB  1 
ATOM   143 O  OG1 . THR A 1 27 ? -3.122  -5.676  -6.236  1.00 21.05 ? 478 THR A OG1 1 
ATOM   144 C  CG2 . THR A 1 27 ? -0.848  -4.972  -5.925  1.00 20.83 ? 478 THR A CG2 1 
ATOM   145 N  N   . LEU A 1 28 ? -1.354  -1.877  -4.129  1.00 20.09 ? 479 LEU A N   1 
ATOM   146 C  CA  . LEU A 1 28 ? -0.400  -0.784  -3.973  1.00 19.71 ? 479 LEU A CA  1 
ATOM   147 C  C   . LEU A 1 28 ? 1.018   -1.343  -3.951  1.00 19.16 ? 479 LEU A C   1 
ATOM   148 O  O   . LEU A 1 28 ? 1.340   -2.208  -3.131  1.00 18.53 ? 479 LEU A O   1 
ATOM   149 C  CB  . LEU A 1 28 ? -0.692  -0.001  -2.693  1.00 20.10 ? 479 LEU A CB  1 
ATOM   150 C  CG  . LEU A 1 28 ? -1.923  0.910   -2.710  1.00 21.29 ? 479 LEU A CG  1 
ATOM   151 C  CD1 . LEU A 1 28 ? -3.212  0.161   -3.040  1.00 22.77 ? 479 LEU A CD1 1 
ATOM   152 C  CD2 . LEU A 1 28 ? -2.052  1.582   -1.368  1.00 22.36 ? 479 LEU A CD2 1 
ATOM   153 N  N   . ARG A 1 29 ? 1.857   -0.847  -4.856  1.00 18.46 ? 480 ARG A N   1 
ATOM   154 C  CA  . ARG A 1 29 ? 3.206   -1.391  -5.031  1.00 18.06 ? 480 ARG A CA  1 
ATOM   155 C  C   . ARG A 1 29 ? 4.289   -0.328  -4.892  1.00 17.80 ? 480 ARG A C   1 
ATOM   156 O  O   . ARG A 1 29 ? 4.156   0.778   -5.420  1.00 17.41 ? 480 ARG A O   1 
ATOM   157 C  CB  . ARG A 1 29 ? 3.341   -2.045  -6.407  1.00 17.95 ? 480 ARG A CB  1 
ATOM   158 C  CG  . ARG A 1 29 ? 2.505   -3.293  -6.622  1.00 18.33 ? 480 ARG A CG  1 
ATOM   159 C  CD  . ARG A 1 29 ? 2.751   -3.842  -8.014  1.00 19.52 ? 480 ARG A CD  1 
ATOM   160 N  NE  . ARG A 1 29 ? 2.113   -5.137  -8.234  1.00 21.10 ? 480 ARG A NE  1 
ATOM   161 C  CZ  . ARG A 1 29 ? 0.922   -5.306  -8.801  1.00 21.91 ? 480 ARG A CZ  1 
ATOM   162 N  NH1 . ARG A 1 29 ? 0.433   -6.528  -8.957  1.00 22.65 ? 480 ARG A NH1 1 
ATOM   163 N  NH2 . ARG A 1 29 ? 0.211   -4.258  -9.206  1.00 22.60 ? 480 ARG A NH2 1 
ATOM   164 N  N   . CYS A 1 30 ? 5.364   -0.677  -4.188  1.00 17.25 ? 481 CYS A N   1 
ATOM   165 C  CA  . CYS A 1 30 ? 6.572   0.143   -4.161  1.00 17.28 ? 481 CYS A CA  1 
ATOM   166 C  C   . CYS A 1 30 ? 7.814   -0.743  -4.098  1.00 16.93 ? 481 CYS A C   1 
ATOM   167 O  O   . CYS A 1 30 ? 7.705   -1.967  -3.977  1.00 17.30 ? 481 CYS A O   1 
ATOM   168 C  CB  . CYS A 1 30 ? 6.546   1.169   -3.017  1.00 16.97 ? 481 CYS A CB  1 
ATOM   169 S  SG  . CYS A 1 30 ? 6.432   0.472   -1.354  1.00 18.20 ? 481 CYS A SG  1 
ATOM   170 N  N   . VAL A 1 31 ? 8.991   -0.131  -4.204  1.00 16.72 ? 482 VAL A N   1 
ATOM   171 C  CA  . VAL A 1 31 ? 10.243  -0.891  -4.296  1.00 16.70 ? 482 VAL A CA  1 
ATOM   172 C  C   . VAL A 1 31 ? 11.334  -0.303  -3.401  1.00 16.61 ? 482 VAL A C   1 
ATOM   173 O  O   . VAL A 1 31 ? 11.537  0.913   -3.376  1.00 15.92 ? 482 VAL A O   1 
ATOM   174 C  CB  . VAL A 1 31 ? 10.760  -0.953  -5.760  1.00 16.95 ? 482 VAL A CB  1 
ATOM   175 C  CG1 . VAL A 1 31 ? 12.019  -1.798  -5.857  1.00 17.09 ? 482 VAL A CG1 1 
ATOM   176 C  CG2 . VAL A 1 31 ? 9.692   -1.501  -6.702  1.00 17.43 ? 482 VAL A CG2 1 
ATOM   177 N  N   . LEU A 1 32 ? 12.025  -1.175  -2.670  1.00 16.60 ? 483 LEU A N   1 
ATOM   178 C  CA  . LEU A 1 32 ? 13.161  -0.790  -1.828  1.00 17.03 ? 483 LEU A CA  1 
ATOM   179 C  C   . LEU A 1 32 ? 14.477  -0.876  -2.605  1.00 17.01 ? 483 LEU A C   1 
ATOM   180 O  O   . LEU A 1 32 ? 14.551  -1.547  -3.638  1.00 17.03 ? 483 LEU A O   1 
ATOM   181 C  CB  . LEU A 1 32 ? 13.251  -1.718  -0.607  1.00 17.34 ? 483 LEU A CB  1 
ATOM   182 C  CG  . LEU A 1 32 ? 12.117  -1.736  0.418   1.00 17.95 ? 483 LEU A CG  1 
ATOM   183 C  CD1 . LEU A 1 32 ? 12.164  -3.042  1.231   1.00 17.35 ? 483 LEU A CD1 1 
ATOM   184 C  CD2 . LEU A 1 32 ? 12.161  -0.516  1.325   1.00 17.74 ? 483 LEU A CD2 1 
ATOM   185 N  N   . SER A 1 33 ? 15.515  -0.216  -2.090  1.00 17.23 ? 484 SER A N   1 
ATOM   186 C  CA  . SER A 1 33 ? 16.853  -0.226  -2.711  1.00 17.11 ? 484 SER A CA  1 
ATOM   187 C  C   . SER A 1 33 ? 17.636  -1.510  -2.439  1.00 17.23 ? 484 SER A C   1 
ATOM   188 O  O   . SER A 1 33 ? 18.665  -1.769  -3.075  1.00 16.89 ? 484 SER A O   1 
ATOM   189 C  CB  . SER A 1 33 ? 17.667  0.995   -2.267  1.00 17.03 ? 484 SER A CB  1 
ATOM   190 O  OG  . SER A 1 33 ? 17.748  1.069   -0.855  1.00 17.13 ? 484 SER A OG  1 
ATOM   191 N  N   . SER A 1 34 ? 17.163  -2.295  -1.474  1.00 17.33 ? 485 SER A N   1 
ATOM   192 C  CA  . SER A 1 34 ? 17.663  -3.651  -1.263  1.00 17.60 ? 485 SER A CA  1 
ATOM   193 C  C   . SER A 1 34 ? 16.605  -4.492  -0.552  1.00 17.34 ? 485 SER A C   1 
ATOM   194 O  O   . SER A 1 34 ? 15.594  -3.968  -0.085  1.00 17.10 ? 485 SER A O   1 
ATOM   195 C  CB  . SER A 1 34 ? 18.999  -3.651  -0.503  1.00 17.82 ? 485 SER A CB  1 
ATOM   196 O  OG  . SER A 1 34 ? 18.894  -3.008  0.749   1.00 18.99 ? 485 SER A OG  1 
ATOM   197 N  N   . VAL A 1 35 ? 16.829  -5.800  -0.492  1.00 16.92 ? 486 VAL A N   1 
ATOM   198 C  CA  . VAL A 1 35 ? 15.893  -6.704  0.167   1.00 16.70 ? 486 VAL A CA  1 
ATOM   199 C  C   . VAL A 1 35 ? 15.998  -6.498  1.675   1.00 16.49 ? 486 VAL A C   1 
ATOM   200 O  O   . VAL A 1 35 ? 16.979  -6.905  2.299   1.00 16.64 ? 486 VAL A O   1 
ATOM   201 C  CB  . VAL A 1 35 ? 16.154  -8.181  -0.216  1.00 16.64 ? 486 VAL A CB  1 
ATOM   202 C  CG1 . VAL A 1 35 ? 15.125  -9.097  0.438   1.00 16.71 ? 486 VAL A CG1 1 
ATOM   203 C  CG2 . VAL A 1 35 ? 16.118  -8.350  -1.730  1.00 17.00 ? 486 VAL A CG2 1 
ATOM   204 N  N   . ALA A 1 36 ? 15.002  -5.830  2.249   1.00 16.30 ? 487 ALA A N   1 
ATOM   205 C  CA  . ALA A 1 36 ? 14.977  -5.579  3.688   1.00 16.05 ? 487 ALA A CA  1 
ATOM   206 C  C   . ALA A 1 36 ? 13.565  -5.734  4.244   1.00 15.90 ? 487 ALA A C   1 
ATOM   207 O  O   . ALA A 1 36 ? 12.589  -5.646  3.501   1.00 16.00 ? 487 ALA A O   1 
ATOM   208 C  CB  . ALA A 1 36 ? 15.543  -4.200  4.001   1.00 16.19 ? 487 ALA A CB  1 
ATOM   209 N  N   . ALA A 1 37 ? 13.472  -5.977  5.550   1.00 15.79 ? 488 ALA A N   1 
ATOM   210 C  CA  . ALA A 1 37 ? 12.191  -6.160  6.239   1.00 15.91 ? 488 ALA A CA  1 
ATOM   211 C  C   . ALA A 1 37 ? 12.367  -5.979  7.749   1.00 16.10 ? 488 ALA A C   1 
ATOM   212 O  O   . ALA A 1 37 ? 13.490  -6.057  8.246   1.00 15.59 ? 488 ALA A O   1 
ATOM   213 C  CB  . ALA A 1 37 ? 11.608  -7.539  5.928   1.00 16.05 ? 488 ALA A CB  1 
ATOM   214 N  N   . PRO A 1 38 ? 11.264  -5.737  8.487   1.00 16.35 ? 489 PRO A N   1 
ATOM   215 C  CA  . PRO A 1 38 ? 9.891   -5.554  8.020   1.00 16.30 ? 489 PRO A CA  1 
ATOM   216 C  C   . PRO A 1 38 ? 9.537   -4.106  7.660   1.00 16.37 ? 489 PRO A C   1 
ATOM   217 O  O   . PRO A 1 38 ? 10.089  -3.159  8.224   1.00 16.13 ? 489 PRO A O   1 
ATOM   218 C  CB  . PRO A 1 38 ? 9.064   -6.011  9.222   1.00 16.35 ? 489 PRO A CB  1 
ATOM   219 C  CG  . PRO A 1 38 ? 9.888   -5.620  10.397  1.00 16.56 ? 489 PRO A CG  1 
ATOM   220 C  CD  . PRO A 1 38 ? 11.342  -5.691  9.962   1.00 16.54 ? 489 PRO A CD  1 
ATOM   221 N  N   . VAL A 1 39 ? 8.624   -3.945  6.711   1.00 16.17 ? 490 VAL A N   1 
ATOM   222 C  CA  . VAL A 1 39 ? 8.081   -2.634  6.415   1.00 16.15 ? 490 VAL A CA  1 
ATOM   223 C  C   . VAL A 1 39 ? 6.751   -2.487  7.148   1.00 15.72 ? 490 VAL A C   1 
ATOM   224 O  O   . VAL A 1 39 ? 6.140   -3.482  7.544   1.00 15.10 ? 490 VAL A O   1 
ATOM   225 C  CB  . VAL A 1 39 ? 7.909   -2.399  4.894   1.00 16.57 ? 490 VAL A CB  1 
ATOM   226 C  CG1 . VAL A 1 39 ? 9.275   -2.442  4.188   1.00 16.82 ? 490 VAL A CG1 1 
ATOM   227 C  CG2 . VAL A 1 39 ? 6.943   -3.417  4.289   1.00 17.32 ? 490 VAL A CG2 1 
ATOM   228 N  N   . LYS A 1 40 ? 6.327   -1.247  7.354   1.00 15.42 ? 491 LYS A N   1 
ATOM   229 C  CA  . LYS A 1 40 ? 5.020   -0.974  7.931   1.00 15.46 ? 491 LYS A CA  1 
ATOM   230 C  C   . LYS A 1 40 ? 4.176   -0.238  6.905   1.00 15.69 ? 491 LYS A C   1 
ATOM   231 O  O   . LYS A 1 40 ? 4.664   0.671   6.233   1.00 15.25 ? 491 LYS A O   1 
ATOM   232 C  CB  . LYS A 1 40 ? 5.152   -0.155  9.218   1.00 15.32 ? 491 LYS A CB  1 
ATOM   233 C  CG  . LYS A 1 40 ? 5.906   -0.881  10.338  1.00 15.85 ? 491 LYS A CG  1 
ATOM   234 N  N   . TRP A 1 41 ? 2.925   -0.659  6.770   1.00 16.28 ? 492 TRP A N   1 
ATOM   235 C  CA  . TRP A 1 41 ? 1.954   0.021   5.920   1.00 17.18 ? 492 TRP A CA  1 
ATOM   236 C  C   . TRP A 1 41 ? 0.940   0.771   6.781   1.00 17.88 ? 492 TRP A C   1 
ATOM   237 O  O   . TRP A 1 41 ? 0.573   0.307   7.867   1.00 18.07 ? 492 TRP A O   1 
ATOM   238 C  CB  . TRP A 1 41 ? 1.224   -0.986  5.033   1.00 17.41 ? 492 TRP A CB  1 
ATOM   239 C  CG  . TRP A 1 41 ? 2.063   -1.595  3.938   1.00 16.81 ? 492 TRP A CG  1 
ATOM   240 C  CD1 . TRP A 1 41 ? 2.831   -2.716  4.018   1.00 16.39 ? 492 TRP A CD1 1 
ATOM   241 C  CD2 . TRP A 1 41 ? 2.177   -1.125  2.587   1.00 16.45 ? 492 TRP A CD2 1 
ATOM   242 N  NE1 . TRP A 1 41 ? 3.428   -2.973  2.805   1.00 15.71 ? 492 TRP A NE1 1 
ATOM   243 C  CE2 . TRP A 1 41 ? 3.042   -2.010  1.909   1.00 16.62 ? 492 TRP A CE2 1 
ATOM   244 C  CE3 . TRP A 1 41 ? 1.634   -0.041  1.888   1.00 16.81 ? 492 TRP A CE3 1 
ATOM   245 C  CZ2 . TRP A 1 41 ? 3.378   -1.845  0.561   1.00 16.61 ? 492 TRP A CZ2 1 
ATOM   246 C  CZ3 . TRP A 1 41 ? 1.966   0.123   0.547   1.00 16.69 ? 492 TRP A CZ3 1 
ATOM   247 C  CH2 . TRP A 1 41 ? 2.837   -0.773  -0.101  1.00 16.41 ? 492 TRP A CH2 1 
ATOM   248 N  N   . CYS A 1 42 ? 0.497   1.926   6.296   1.00 18.61 ? 493 CYS A N   1 
ATOM   249 C  CA  . CYS A 1 42 ? -0.462  2.753   7.020   1.00 19.54 ? 493 CYS A CA  1 
ATOM   250 C  C   . CYS A 1 42 ? -1.596  3.230   6.129   1.00 19.15 ? 493 CYS A C   1 
ATOM   251 O  O   . CYS A 1 42 ? -1.416  3.449   4.937   1.00 19.09 ? 493 CYS A O   1 
ATOM   252 C  CB  . CYS A 1 42 ? 0.222   3.984   7.614   1.00 19.98 ? 493 CYS A CB  1 
ATOM   253 S  SG  . CYS A 1 42 ? 1.474   3.609   8.810   1.00 24.50 ? 493 CYS A SG  1 
ATOM   254 N  N   . TYR A 1 43 ? -2.764  3.397   6.731   1.00 19.14 ? 494 TYR A N   1 
ATOM   255 C  CA  . TYR A 1 43 ? -3.852  4.128   6.112   1.00 18.68 ? 494 TYR A CA  1 
ATOM   256 C  C   . TYR A 1 43 ? -4.056  5.379   6.969   1.00 19.03 ? 494 TYR A C   1 
ATOM   257 O  O   . TYR A 1 43 ? -4.445  5.283   8.136   1.00 18.75 ? 494 TYR A O   1 
ATOM   258 C  CB  . TYR A 1 43 ? -5.096  3.248   6.065   1.00 18.75 ? 494 TYR A CB  1 
ATOM   259 C  CG  . TYR A 1 43 ? -6.354  3.929   5.590   1.00 18.37 ? 494 TYR A CG  1 
ATOM   260 C  CD1 . TYR A 1 43 ? -6.477  4.387   4.279   1.00 17.47 ? 494 TYR A CD1 1 
ATOM   261 C  CD2 . TYR A 1 43 ? -7.434  4.095   6.450   1.00 19.13 ? 494 TYR A CD2 1 
ATOM   262 C  CE1 . TYR A 1 43 ? -7.652  5.013   3.838   1.00 17.49 ? 494 TYR A CE1 1 
ATOM   263 C  CE2 . TYR A 1 43 ? -8.603  4.715   6.025   1.00 18.48 ? 494 TYR A CE2 1 
ATOM   264 C  CZ  . TYR A 1 43 ? -8.705  5.166   4.718   1.00 17.81 ? 494 TYR A CZ  1 
ATOM   265 O  OH  . TYR A 1 43 ? -9.868  5.770   4.302   1.00 18.49 ? 494 TYR A OH  1 
ATOM   266 N  N   . GLY A 1 44 ? -3.774  6.545   6.388   1.00 19.16 ? 495 GLY A N   1 
ATOM   267 C  CA  . GLY A 1 44 ? -3.624  7.776   7.171   1.00 19.29 ? 495 GLY A CA  1 
ATOM   268 C  C   . GLY A 1 44 ? -2.508  7.585   8.190   1.00 19.16 ? 495 GLY A C   1 
ATOM   269 O  O   . GLY A 1 44 ? -1.373  7.230   7.829   1.00 19.40 ? 495 GLY A O   1 
ATOM   270 N  N   . ASN A 1 45 ? -2.830  7.782   9.464   1.00 18.64 ? 496 ASN A N   1 
ATOM   271 C  CA  . ASN A 1 45 ? -1.869  7.522   10.538  1.00 18.51 ? 496 ASN A CA  1 
ATOM   272 C  C   . ASN A 1 45 ? -2.053  6.164   11.220  1.00 18.57 ? 496 ASN A C   1 
ATOM   273 O  O   . ASN A 1 45 ? -1.373  5.867   12.202  1.00 18.55 ? 496 ASN A O   1 
ATOM   274 C  CB  . ASN A 1 45 ? -1.905  8.646   11.571  1.00 18.10 ? 496 ASN A CB  1 
ATOM   275 C  CG  . ASN A 1 45 ? -1.356  9.948   11.031  1.00 17.79 ? 496 ASN A CG  1 
ATOM   276 O  OD1 . ASN A 1 45 ? -1.977  10.996  11.173  1.00 17.54 ? 496 ASN A OD1 1 
ATOM   277 N  ND2 . ASN A 1 45 ? -0.188  9.887   10.400  1.00 15.66 ? 496 ASN A ND2 1 
ATOM   278 N  N   . ASN A 1 46 ? -2.952  5.345   10.680  1.00 18.71 ? 497 ASN A N   1 
ATOM   279 C  CA  . ASN A 1 46 ? -3.258  4.030   11.244  1.00 19.24 ? 497 ASN A CA  1 
ATOM   280 C  C   . ASN A 1 46 ? -2.412  2.920   10.626  1.00 19.11 ? 497 ASN A C   1 
ATOM   281 O  O   . ASN A 1 46 ? -2.498  2.665   9.427   1.00 18.53 ? 497 ASN A O   1 
ATOM   282 C  CB  . ASN A 1 46 ? -4.746  3.713   11.062  1.00 19.62 ? 497 ASN A CB  1 
ATOM   283 C  CG  . ASN A 1 46 ? -5.161  2.427   11.757  1.00 21.76 ? 497 ASN A CG  1 
ATOM   284 O  OD1 . ASN A 1 46 ? -4.637  2.086   12.815  1.00 22.68 ? 497 ASN A OD1 1 
ATOM   285 N  ND2 . ASN A 1 46 ? -6.128  1.716   11.173  1.00 23.59 ? 497 ASN A ND2 1 
ATOM   286 N  N   . VAL A 1 47 ? -1.617  2.248   11.454  1.00 18.95 ? 498 VAL A N   1 
ATOM   287 C  CA  . VAL A 1 47 ? -0.779  1.143   10.985  1.00 19.52 ? 498 VAL A CA  1 
ATOM   288 C  C   . VAL A 1 47 ? -1.644  -0.093  10.764  1.00 19.58 ? 498 VAL A C   1 
ATOM   289 O  O   . VAL A 1 47 ? -2.416  -0.495  11.639  1.00 19.86 ? 498 VAL A O   1 
ATOM   290 C  CB  . VAL A 1 47 ? 0.405   0.853   11.950  1.00 19.23 ? 498 VAL A CB  1 
ATOM   291 C  CG1 . VAL A 1 47 ? 1.301   -0.271  11.418  1.00 19.44 ? 498 VAL A CG1 1 
ATOM   292 C  CG2 . VAL A 1 47 ? 1.226   2.114   12.151  1.00 19.84 ? 498 VAL A CG2 1 
ATOM   293 N  N   . LEU A 1 48 ? -1.511  -0.670  9.576   1.00 19.80 ? 499 LEU A N   1 
ATOM   294 C  CA  . LEU A 1 48 ? -2.373  -1.751  9.131   1.00 19.85 ? 499 LEU A CA  1 
ATOM   295 C  C   . LEU A 1 48 ? -1.894  -3.100  9.640   1.00 19.83 ? 499 LEU A C   1 
ATOM   296 O  O   . LEU A 1 48 ? -0.688  -3.333  9.778   1.00 19.86 ? 499 LEU A O   1 
ATOM   297 C  CB  . LEU A 1 48 ? -2.465  -1.775  7.602   1.00 19.66 ? 499 LEU A CB  1 
ATOM   298 C  CG  . LEU A 1 48 ? -3.001  -0.517  6.914   1.00 21.03 ? 499 LEU A CG  1 
ATOM   299 C  CD1 . LEU A 1 48 ? -2.994  -0.705  5.402   1.00 22.01 ? 499 LEU A CD1 1 
ATOM   300 C  CD2 . LEU A 1 48 ? -4.405  -0.150  7.422   1.00 19.95 ? 499 LEU A CD2 1 
ATOM   301 N  N   . ARG A 1 49 ? -2.859  -3.973  9.916   1.00 19.98 ? 500 ARG A N   1 
ATOM   302 C  CA  . ARG A 1 49 ? -2.598  -5.349  10.323  1.00 20.41 ? 500 ARG A CA  1 
ATOM   303 C  C   . ARG A 1 49 ? -2.956  -6.292  9.182   1.00 20.29 ? 500 ARG A C   1 
ATOM   304 O  O   . ARG A 1 49 ? -4.014  -6.148  8.573   1.00 20.22 ? 500 ARG A O   1 
ATOM   305 C  CB  . ARG A 1 49 ? -3.447  -5.711  11.542  1.00 20.48 ? 500 ARG A CB  1 
ATOM   306 C  CG  . ARG A 1 49 ? -2.960  -5.155  12.861  1.00 21.44 ? 500 ARG A CG  1 
ATOM   307 C  CD  . ARG A 1 49 ? -3.848  -5.660  13.991  1.00 23.60 ? 500 ARG A CD  1 
ATOM   308 N  NE  . ARG A 1 49 ? -3.521  -5.069  15.289  1.00 24.73 ? 500 ARG A NE  1 
ATOM   309 C  CZ  . ARG A 1 49 ? -4.010  -3.914  15.737  1.00 25.45 ? 500 ARG A CZ  1 
ATOM   310 N  NH1 . ARG A 1 49 ? -4.844  -3.202  14.987  1.00 25.91 ? 500 ARG A NH1 1 
ATOM   311 N  NH2 . ARG A 1 49 ? -3.657  -3.463  16.936  1.00 24.98 ? 500 ARG A NH2 1 
ATOM   312 N  N   . PRO A 1 50 ? -2.088  -7.274  8.895   1.00 20.65 ? 501 PRO A N   1 
ATOM   313 C  CA  . PRO A 1 50 ? -2.472  -8.294  7.920   1.00 20.82 ? 501 PRO A CA  1 
ATOM   314 C  C   . PRO A 1 50 ? -3.735  -9.001  8.405   1.00 21.24 ? 501 PRO A C   1 
ATOM   315 O  O   . PRO A 1 50 ? -3.831  -9.343  9.587   1.00 21.19 ? 501 PRO A O   1 
ATOM   316 C  CB  . PRO A 1 50 ? -1.284  -9.260  7.933   1.00 20.80 ? 501 PRO A CB  1 
ATOM   317 C  CG  . PRO A 1 50 ? -0.154  -8.476  8.485   1.00 20.87 ? 501 PRO A CG  1 
ATOM   318 C  CD  . PRO A 1 50 ? -0.748  -7.521  9.457   1.00 20.57 ? 501 PRO A CD  1 
ATOM   319 N  N   . GLY A 1 51 ? -4.703  -9.182  7.513   1.00 21.55 ? 502 GLY A N   1 
ATOM   320 C  CA  . GLY A 1 51 ? -5.978  -9.806  7.871   1.00 21.96 ? 502 GLY A CA  1 
ATOM   321 C  C   . GLY A 1 51 ? -6.791  -10.147 6.639   1.00 22.24 ? 502 GLY A C   1 
ATOM   322 O  O   . GLY A 1 51 ? -6.232  -10.425 5.578   1.00 22.76 ? 502 GLY A O   1 
ATOM   323 N  N   . ASP A 1 52 ? -8.112  -10.137 6.779   1.00 22.37 ? 503 ASP A N   1 
ATOM   324 C  CA  . ASP A 1 52 ? -9.004  -10.386 5.647   1.00 22.40 ? 503 ASP A CA  1 
ATOM   325 C  C   . ASP A 1 52 ? -9.049  -9.180  4.709   1.00 22.12 ? 503 ASP A C   1 
ATOM   326 O  O   . ASP A 1 52 ? -9.133  -9.336  3.492   1.00 22.35 ? 503 ASP A O   1 
ATOM   327 C  CB  . ASP A 1 52 ? -10.416 -10.741 6.132   1.00 22.61 ? 503 ASP A CB  1 
ATOM   328 C  CG  . ASP A 1 52 ? -10.500 -12.134 6.756   1.00 23.31 ? 503 ASP A CG  1 
ATOM   329 O  OD1 . ASP A 1 52 ? -9.473  -12.847 6.822   1.00 24.17 ? 503 ASP A OD1 1 
ATOM   330 O  OD2 . ASP A 1 52 ? -11.611 -12.523 7.182   1.00 24.38 ? 503 ASP A OD2 1 
ATOM   331 N  N   . LYS A 1 53 ? -8.968  -7.983  5.285   1.00 21.65 ? 504 LYS A N   1 
ATOM   332 C  CA  . LYS A 1 53 ? -9.014  -6.738  4.520   1.00 21.20 ? 504 LYS A CA  1 
ATOM   333 C  C   . LYS A 1 53 ? -7.712  -6.441  3.782   1.00 20.87 ? 504 LYS A C   1 
ATOM   334 O  O   . LYS A 1 53 ? -7.726  -6.104  2.594   1.00 20.81 ? 504 LYS A O   1 
ATOM   335 C  CB  . LYS A 1 53 ? -9.359  -5.559  5.436   1.00 21.21 ? 504 LYS A CB  1 
ATOM   336 C  CG  . LYS A 1 53 ? -9.686  -4.275  4.686   1.00 21.15 ? 504 LYS A CG  1 
ATOM   337 C  CD  . LYS A 1 53 ? -11.050 -4.386  4.028   1.00 20.59 ? 504 LYS A CD  1 
ATOM   338 C  CE  . LYS A 1 53 ? -11.258 -3.311  2.999   1.00 18.47 ? 504 LYS A CE  1 
ATOM   339 N  NZ  . LYS A 1 53 ? -12.511 -3.546  2.240   1.00 17.75 ? 504 LYS A NZ  1 
ATOM   340 N  N   . TYR A 1 54 ? -6.596  -6.551  4.498   1.00 20.39 ? 505 TYR A N   1 
ATOM   341 C  CA  . TYR A 1 54 ? -5.296  -6.207  3.952   1.00 20.25 ? 505 TYR A CA  1 
ATOM   342 C  C   . TYR A 1 54 ? -4.400  -7.427  3.869   1.00 20.50 ? 505 TYR A C   1 
ATOM   343 O  O   . TYR A 1 54 ? -4.316  -8.210  4.819   1.00 20.18 ? 505 TYR A O   1 
ATOM   344 C  CB  . TYR A 1 54 ? -4.612  -5.137  4.806   1.00 20.25 ? 505 TYR A CB  1 
ATOM   345 C  CG  . TYR A 1 54 ? -5.484  -3.947  5.120   1.00 20.45 ? 505 TYR A CG  1 
ATOM   346 C  CD1 . TYR A 1 54 ? -5.716  -2.955  4.165   1.00 20.45 ? 505 TYR A CD1 1 
ATOM   347 C  CD2 . TYR A 1 54 ? -6.070  -3.807  6.373   1.00 20.22 ? 505 TYR A CD2 1 
ATOM   348 C  CE1 . TYR A 1 54 ? -6.519  -1.853  4.456   1.00 20.07 ? 505 TYR A CE1 1 
ATOM   349 C  CE2 . TYR A 1 54 ? -6.879  -2.718  6.671   1.00 21.32 ? 505 TYR A CE2 1 
ATOM   350 C  CZ  . TYR A 1 54 ? -7.096  -1.749  5.713   1.00 20.56 ? 505 TYR A CZ  1 
ATOM   351 O  OH  . TYR A 1 54 ? -7.886  -0.678  6.025   1.00 21.43 ? 505 TYR A OH  1 
ATOM   352 N  N   . SER A 1 55 ? -3.735  -7.580  2.729   1.00 20.55 ? 506 SER A N   1 
ATOM   353 C  CA  . SER A 1 55 ? -2.706  -8.595  2.575   1.00 21.11 ? 506 SER A CA  1 
ATOM   354 C  C   . SER A 1 55 ? -1.386  -7.881  2.306   1.00 21.39 ? 506 SER A C   1 
ATOM   355 O  O   . SER A 1 55 ? -1.280  -7.087  1.360   1.00 21.43 ? 506 SER A O   1 
ATOM   356 C  CB  . SER A 1 55 ? -3.064  -9.554  1.437   1.00 20.87 ? 506 SER A CB  1 
ATOM   357 O  OG  . SER A 1 55 ? -2.105  -10.587 1.314   1.00 22.38 ? 506 SER A OG  1 
ATOM   358 N  N   . LEU A 1 56 ? -0.399  -8.131  3.167   1.00 21.53 ? 507 LEU A N   1 
ATOM   359 C  CA  . LEU A 1 56 ? 0.911   -7.490  3.062   1.00 22.19 ? 507 LEU A CA  1 
ATOM   360 C  C   . LEU A 1 56 ? 1.894   -8.494  2.489   1.00 22.19 ? 507 LEU A C   1 
ATOM   361 O  O   . LEU A 1 56 ? 2.165   -9.518  3.110   1.00 22.20 ? 507 LEU A O   1 
ATOM   362 C  CB  . LEU A 1 56 ? 1.402   -7.003  4.429   1.00 22.16 ? 507 LEU A CB  1 
ATOM   363 C  CG  . LEU A 1 56 ? 0.786   -5.757  5.063   1.00 22.70 ? 507 LEU A CG  1 
ATOM   364 C  CD1 . LEU A 1 56 ? -0.665  -5.985  5.477   1.00 23.57 ? 507 LEU A CD1 1 
ATOM   365 C  CD2 . LEU A 1 56 ? 1.622   -5.339  6.256   1.00 22.83 ? 507 LEU A CD2 1 
ATOM   366 N  N   . ARG A 1 57 ? 2.409   -8.200  1.299   1.00 22.28 ? 508 ARG A N   1 
ATOM   367 C  CA  . ARG A 1 57 ? 3.227   -9.158  0.560   1.00 22.46 ? 508 ARG A CA  1 
ATOM   368 C  C   . ARG A 1 57 ? 4.601   -8.596  0.227   1.00 21.90 ? 508 ARG A C   1 
ATOM   369 O  O   . ARG A 1 57 ? 4.760   -7.395  0.052   1.00 21.84 ? 508 ARG A O   1 
ATOM   370 C  CB  . ARG A 1 57 ? 2.502   -9.601  -0.713  1.00 22.76 ? 508 ARG A CB  1 
ATOM   371 C  CG  . ARG A 1 57 ? 1.105   -10.141 -0.450  1.00 24.44 ? 508 ARG A CG  1 
ATOM   372 C  CD  . ARG A 1 57 ? 0.365   -10.499 -1.716  1.00 27.27 ? 508 ARG A CD  1 
ATOM   373 N  NE  . ARG A 1 57 ? -1.012  -10.883 -1.406  1.00 29.00 ? 508 ARG A NE  1 
ATOM   374 C  CZ  . ARG A 1 57 ? -1.871  -11.400 -2.278  1.00 30.37 ? 508 ARG A CZ  1 
ATOM   375 N  NH1 . ARG A 1 57 ? -1.511  -11.610 -3.540  1.00 31.48 ? 508 ARG A NH1 1 
ATOM   376 N  NH2 . ARG A 1 57 ? -3.101  -11.711 -1.885  1.00 30.95 ? 508 ARG A NH2 1 
ATOM   377 N  N   . GLN A 1 58 ? 5.597   -9.473  0.150   1.00 21.35 ? 509 GLN A N   1 
ATOM   378 C  CA  . GLN A 1 58 ? 6.933   -9.051  -0.242  1.00 20.59 ? 509 GLN A CA  1 
ATOM   379 C  C   . GLN A 1 58 ? 7.526   -10.064 -1.224  1.00 20.16 ? 509 GLN A C   1 
ATOM   380 O  O   . GLN A 1 58 ? 7.363   -11.272 -1.055  1.00 19.54 ? 509 GLN A O   1 
ATOM   381 C  CB  . GLN A 1 58 ? 7.844   -8.852  0.982   1.00 20.49 ? 509 GLN A CB  1 
ATOM   382 C  CG  . GLN A 1 58 ? 9.246   -8.297  0.640   1.00 20.49 ? 509 GLN A CG  1 
ATOM   383 C  CD  . GLN A 1 58 ? 9.938   -7.613  1.809   1.00 20.57 ? 509 GLN A CD  1 
ATOM   384 O  OE1 . GLN A 1 58 ? 9.356   -7.455  2.879   1.00 21.64 ? 509 GLN A OE1 1 
ATOM   385 N  NE2 . GLN A 1 58 ? 11.177  -7.181  1.598   1.00 20.36 ? 509 GLN A NE2 1 
ATOM   386 N  N   . GLU A 1 59 ? 8.166   -9.542  -2.270  1.00 19.89 ? 510 GLU A N   1 
ATOM   387 C  CA  . GLU A 1 59 ? 8.884   -10.347 -3.249  1.00 19.87 ? 510 GLU A CA  1 
ATOM   388 C  C   . GLU A 1 59 ? 10.242  -9.698  -3.509  1.00 19.93 ? 510 GLU A C   1 
ATOM   389 O  O   . GLU A 1 59 ? 10.403  -8.919  -4.448  1.00 19.86 ? 510 GLU A O   1 
ATOM   390 C  CB  . GLU A 1 59 ? 8.067   -10.487 -4.538  1.00 19.68 ? 510 GLU A CB  1 
ATOM   391 C  CG  . GLU A 1 59 ? 8.621   -11.502 -5.532  1.00 19.62 ? 510 GLU A CG  1 
ATOM   392 N  N   . GLY A 1 60 ? 11.212  -10.031 -2.661  1.00 20.48 ? 511 GLY A N   1 
ATOM   393 C  CA  . GLY A 1 60 ? 12.544  -9.433  -2.702  1.00 20.51 ? 511 GLY A CA  1 
ATOM   394 C  C   . GLY A 1 60 ? 12.468  -7.993  -2.238  1.00 20.63 ? 511 GLY A C   1 
ATOM   395 O  O   . GLY A 1 60 ? 12.102  -7.719  -1.093  1.00 21.07 ? 511 GLY A O   1 
ATOM   396 N  N   . ALA A 1 61 ? 12.811  -7.074  -3.133  1.00 20.57 ? 512 ALA A N   1 
ATOM   397 C  CA  . ALA A 1 61 ? 12.709  -5.642  -2.854  1.00 20.64 ? 512 ALA A CA  1 
ATOM   398 C  C   . ALA A 1 61 ? 11.337  -5.059  -3.229  1.00 20.85 ? 512 ALA A C   1 
ATOM   399 O  O   . ALA A 1 61 ? 11.025  -3.912  -2.873  1.00 20.85 ? 512 ALA A O   1 
ATOM   400 C  CB  . ALA A 1 61 ? 13.819  -4.894  -3.567  1.00 20.35 ? 512 ALA A CB  1 
HETATM 401 N  N   . MSE A 1 62 ? 10.527  -5.843  -3.939  1.00 21.16 ? 513 MSE A N   1 
HETATM 402 C  CA  . MSE A 1 62 ? 9.173   -5.423  -4.314  1.00 21.63 ? 513 MSE A CA  1 
HETATM 403 C  C   . MSE A 1 62 ? 8.217   -5.588  -3.132  1.00 21.56 ? 513 MSE A C   1 
HETATM 404 O  O   . MSE A 1 62 ? 8.116   -6.669  -2.532  1.00 22.35 ? 513 MSE A O   1 
HETATM 405 C  CB  . MSE A 1 62 ? 8.639   -6.214  -5.515  1.00 22.09 ? 513 MSE A CB  1 
HETATM 406 C  CG  . MSE A 1 62 ? 9.677   -6.704  -6.526  1.00 23.67 ? 513 MSE A CG  1 
HETATM 407 SE SE  . MSE A 1 62 ? 10.049  -5.549  -8.062  1.00 28.26 ? 513 MSE A SE  1 
HETATM 408 C  CE  . MSE A 1 62 ? 10.998  -6.835  -9.145  1.00 24.65 ? 513 MSE A CE  1 
ATOM   409 N  N   . LEU A 1 63 ? 7.504   -4.511  -2.822  1.00 22.00 ? 514 LEU A N   1 
ATOM   410 C  CA  . LEU A 1 63 ? 6.532   -4.489  -1.736  1.00 21.80 ? 514 LEU A CA  1 
ATOM   411 C  C   . LEU A 1 63 ? 5.131   -4.278  -2.292  1.00 20.70 ? 514 LEU A C   1 
ATOM   412 O  O   . LEU A 1 63 ? 4.932   -3.512  -3.233  1.00 20.68 ? 514 LEU A O   1 
ATOM   413 C  CB  . LEU A 1 63 ? 6.866   -3.373  -0.742  1.00 22.28 ? 514 LEU A CB  1 
ATOM   414 C  CG  . LEU A 1 63 ? 8.201   -3.473  0.001   1.00 23.00 ? 514 LEU A CG  1 
ATOM   415 C  CD1 . LEU A 1 63 ? 8.483   -2.160  0.701   1.00 23.12 ? 514 LEU A CD1 1 
ATOM   416 C  CD2 . LEU A 1 63 ? 8.206   -4.637  0.983   1.00 22.99 ? 514 LEU A CD2 1 
ATOM   417 N  N   . GLU A 1 64 ? 4.161   -4.955  -1.691  1.00 19.70 ? 515 GLU A N   1 
ATOM   418 C  CA  . GLU A 1 64 ? 2.807   -4.972  -2.218  1.00 18.50 ? 515 GLU A CA  1 
ATOM   419 C  C   . GLU A 1 64 ? 1.785   -4.986  -1.076  1.00 17.44 ? 515 GLU A C   1 
ATOM   420 O  O   . GLU A 1 64 ? 1.908   -5.776  -0.133  1.00 17.35 ? 515 GLU A O   1 
ATOM   421 C  CB  . GLU A 1 64 ? 2.656   -6.206  -3.107  1.00 18.57 ? 515 GLU A CB  1 
ATOM   422 C  CG  . GLU A 1 64 ? 1.313   -6.383  -3.778  1.00 19.11 ? 515 GLU A CG  1 
ATOM   423 C  CD  . GLU A 1 64 ? 1.231   -7.671  -4.585  1.00 18.95 ? 515 GLU A CD  1 
ATOM   424 O  OE1 . GLU A 1 64 ? 0.114   -8.201  -4.748  1.00 19.84 ? 515 GLU A OE1 1 
ATOM   425 O  OE2 . GLU A 1 64 ? 2.282   -8.155  -5.057  1.00 20.03 ? 515 GLU A OE2 1 
ATOM   426 N  N   . LEU A 1 65 ? 0.793   -4.102  -1.166  1.00 15.85 ? 516 LEU A N   1 
ATOM   427 C  CA  . LEU A 1 65 ? -0.363  -4.118  -0.266  1.00 14.30 ? 516 LEU A CA  1 
ATOM   428 C  C   . LEU A 1 65 ? -1.626  -4.364  -1.076  1.00 13.54 ? 516 LEU A C   1 
ATOM   429 O  O   . LEU A 1 65 ? -1.943  -3.614  -2.005  1.00 13.30 ? 516 LEU A O   1 
ATOM   430 C  CB  . LEU A 1 65 ? -0.503  -2.801  0.521   1.00 14.31 ? 516 LEU A CB  1 
ATOM   431 C  CG  . LEU A 1 65 ? -1.798  -2.609  1.333   1.00 13.27 ? 516 LEU A CG  1 
ATOM   432 C  CD1 . LEU A 1 65 ? -1.790  -3.438  2.617   1.00 12.85 ? 516 LEU A CD1 1 
ATOM   433 C  CD2 . LEU A 1 65 ? -2.060  -1.135  1.644   1.00 13.49 ? 516 LEU A CD2 1 
ATOM   434 N  N   . VAL A 1 66 ? -2.343  -5.418  -0.715  1.00 12.46 ? 517 VAL A N   1 
ATOM   435 C  CA  . VAL A 1 66 ? -3.597  -5.740  -1.362  1.00 11.99 ? 517 VAL A CA  1 
ATOM   436 C  C   . VAL A 1 66 ? -4.729  -5.321  -0.432  1.00 11.84 ? 517 VAL A C   1 
ATOM   437 O  O   . VAL A 1 66 ? -4.785  -5.731  0.727   1.00 11.27 ? 517 VAL A O   1 
ATOM   438 C  CB  . VAL A 1 66 ? -3.687  -7.246  -1.737  1.00 11.72 ? 517 VAL A CB  1 
ATOM   439 C  CG1 . VAL A 1 66 ? -4.952  -7.529  -2.532  1.00 11.28 ? 517 VAL A CG1 1 
ATOM   440 C  CG2 . VAL A 1 66 ? -2.467  -7.659  -2.547  1.00 11.51 ? 517 VAL A CG2 1 
ATOM   441 N  N   . VAL A 1 67 ? -5.601  -4.463  -0.947  1.00 12.16 ? 518 VAL A N   1 
ATOM   442 C  CA  . VAL A 1 67 ? -6.792  -4.025  -0.231  1.00 12.73 ? 518 VAL A CA  1 
ATOM   443 C  C   . VAL A 1 67 ? -7.965  -4.732  -0.890  1.00 13.25 ? 518 VAL A C   1 
ATOM   444 O  O   . VAL A 1 67 ? -8.355  -4.384  -2.003  1.00 13.66 ? 518 VAL A O   1 
ATOM   445 C  CB  . VAL A 1 67 ? -6.987  -2.490  -0.326  1.00 12.65 ? 518 VAL A CB  1 
ATOM   446 C  CG1 . VAL A 1 67 ? -8.094  -2.032  0.612   1.00 12.54 ? 518 VAL A CG1 1 
ATOM   447 C  CG2 . VAL A 1 67 ? -5.689  -1.759  -0.012  1.00 12.53 ? 518 VAL A CG2 1 
ATOM   448 N  N   . ARG A 1 68 ? -8.509  -5.736  -0.214  1.00 13.95 ? 519 ARG A N   1 
ATOM   449 C  CA  . ARG A 1 68 ? -9.570  -6.561  -0.779  1.00 14.49 ? 519 ARG A CA  1 
ATOM   450 C  C   . ARG A 1 68 ? -10.953 -5.963  -0.513  1.00 14.86 ? 519 ARG A C   1 
ATOM   451 O  O   . ARG A 1 68 ? -11.101 -5.098  0.355   1.00 14.94 ? 519 ARG A O   1 
ATOM   452 C  CB  . ARG A 1 68 ? -9.466  -7.993  -0.250  1.00 14.63 ? 519 ARG A CB  1 
ATOM   453 C  CG  . ARG A 1 68 ? -8.284  -8.757  -0.835  1.00 15.39 ? 519 ARG A CG  1 
ATOM   454 C  CD  . ARG A 1 68 ? -8.045  -10.080 -0.135  1.00 18.11 ? 519 ARG A CD  1 
ATOM   455 N  NE  . ARG A 1 68 ? -7.343  -9.897  1.131   1.00 19.19 ? 519 ARG A NE  1 
ATOM   456 C  CZ  . ARG A 1 68 ? -6.564  -10.809 1.698   1.00 19.26 ? 519 ARG A CZ  1 
ATOM   457 N  NH1 . ARG A 1 68 ? -6.359  -11.982 1.114   1.00 20.29 ? 519 ARG A NH1 1 
ATOM   458 N  NH2 . ARG A 1 68 ? -5.976  -10.541 2.853   1.00 20.08 ? 519 ARG A NH2 1 
ATOM   459 N  N   . ASN A 1 69 ? -11.947 -6.419  -1.275  1.00 15.17 ? 520 ASN A N   1 
ATOM   460 C  CA  . ASN A 1 69 ? -13.332 -5.933  -1.174  1.00 15.79 ? 520 ASN A CA  1 
ATOM   461 C  C   . ASN A 1 69 ? -13.430 -4.403  -1.082  1.00 16.25 ? 520 ASN A C   1 
ATOM   462 O  O   . ASN A 1 69 ? -13.975 -3.857  -0.112  1.00 16.35 ? 520 ASN A O   1 
ATOM   463 C  CB  . ASN A 1 69 ? -14.065 -6.601  0.000   1.00 15.67 ? 520 ASN A CB  1 
ATOM   464 C  CG  . ASN A 1 69 ? -14.191 -8.113  -0.160  1.00 16.09 ? 520 ASN A CG  1 
ATOM   465 O  OD1 . ASN A 1 69 ? -13.204 -8.817  -0.370  1.00 16.21 ? 520 ASN A OD1 1 
ATOM   466 N  ND2 . ASN A 1 69 ? -15.416 -8.619  -0.045  1.00 16.75 ? 520 ASN A ND2 1 
ATOM   467 N  N   . LEU A 1 70 ? -12.900 -3.720  -2.097  1.00 16.77 ? 521 LEU A N   1 
ATOM   468 C  CA  . LEU A 1 70 ? -12.853 -2.259  -2.098  1.00 17.25 ? 521 LEU A CA  1 
ATOM   469 C  C   . LEU A 1 70 ? -14.220 -1.603  -1.946  1.00 17.55 ? 521 LEU A C   1 
ATOM   470 O  O   . LEU A 1 70 ? -15.156 -1.896  -2.700  1.00 17.49 ? 521 LEU A O   1 
ATOM   471 C  CB  . LEU A 1 70 ? -12.168 -1.720  -3.358  1.00 17.51 ? 521 LEU A CB  1 
ATOM   472 C  CG  . LEU A 1 70 ? -10.666 -1.432  -3.307  1.00 17.88 ? 521 LEU A CG  1 
ATOM   473 C  CD1 . LEU A 1 70 ? -10.273 -0.772  -4.606  1.00 18.01 ? 521 LEU A CD1 1 
ATOM   474 C  CD2 . LEU A 1 70 ? -10.293 -0.535  -2.131  1.00 17.49 ? 521 LEU A CD2 1 
ATOM   475 N  N   . ARG A 1 71 ? -14.305 -0.726  -0.950  1.00 17.51 ? 522 ARG A N   1 
ATOM   476 C  CA  . ARG A 1 71 ? -15.467 0.110   -0.698  1.00 17.76 ? 522 ARG A CA  1 
ATOM   477 C  C   . ARG A 1 71 ? -14.983 1.557   -0.816  1.00 17.65 ? 522 ARG A C   1 
ATOM   478 O  O   . ARG A 1 71 ? -13.781 1.798   -0.712  1.00 17.30 ? 522 ARG A O   1 
ATOM   479 C  CB  . ARG A 1 71 ? -15.973 -0.126  0.723   1.00 17.84 ? 522 ARG A CB  1 
ATOM   480 C  CG  . ARG A 1 71 ? -16.376 -1.549  1.067   1.00 18.63 ? 522 ARG A CG  1 
ATOM   481 C  CD  . ARG A 1 71 ? -16.397 -1.722  2.581   1.00 20.53 ? 522 ARG A CD  1 
ATOM   482 N  NE  . ARG A 1 71 ? -15.064 -1.521  3.156   1.00 21.75 ? 522 ARG A NE  1 
ATOM   483 C  CZ  . ARG A 1 71 ? -14.822 -1.227  4.431   1.00 22.18 ? 522 ARG A CZ  1 
ATOM   484 N  NH1 . ARG A 1 71 ? -15.819 -1.085  5.295   1.00 22.02 ? 522 ARG A NH1 1 
ATOM   485 N  NH2 . ARG A 1 71 ? -13.571 -1.067  4.842   1.00 22.45 ? 522 ARG A NH2 1 
ATOM   486 N  N   . PRO A 1 72 ? -15.905 2.528   -1.021  1.00 17.98 ? 523 PRO A N   1 
ATOM   487 C  CA  . PRO A 1 72 ? -15.479 3.937   -1.020  1.00 18.10 ? 523 PRO A CA  1 
ATOM   488 C  C   . PRO A 1 72 ? -14.758 4.381   0.265   1.00 18.26 ? 523 PRO A C   1 
ATOM   489 O  O   . PRO A 1 72 ? -13.875 5.236   0.202   1.00 18.73 ? 523 PRO A O   1 
ATOM   490 C  CB  . PRO A 1 72 ? -16.795 4.713   -1.180  1.00 18.18 ? 523 PRO A CB  1 
ATOM   491 C  CG  . PRO A 1 72 ? -17.749 3.748   -1.796  1.00 17.96 ? 523 PRO A CG  1 
ATOM   492 C  CD  . PRO A 1 72 ? -17.354 2.391   -1.276  1.00 17.86 ? 523 PRO A CD  1 
ATOM   493 N  N   . GLN A 1 73 ? -15.135 3.805   1.405   1.00 18.53 ? 524 GLN A N   1 
ATOM   494 C  CA  . GLN A 1 73 ? -14.515 4.104   2.706   1.00 18.89 ? 524 GLN A CA  1 
ATOM   495 C  C   . GLN A 1 73 ? -13.069 3.622   2.807   1.00 19.25 ? 524 GLN A C   1 
ATOM   496 O  O   . GLN A 1 73 ? -12.363 3.984   3.754   1.00 19.62 ? 524 GLN A O   1 
ATOM   497 C  CB  . GLN A 1 73 ? -15.306 3.464   3.857   1.00 18.81 ? 524 GLN A CB  1 
ATOM   498 C  CG  . GLN A 1 73 ? -16.729 3.950   4.021   1.00 18.89 ? 524 GLN A CG  1 
ATOM   499 C  CD  . GLN A 1 73 ? -17.761 2.998   3.438   1.00 18.34 ? 524 GLN A CD  1 
ATOM   500 O  OE1 . GLN A 1 73 ? -18.891 2.933   3.920   1.00 18.86 ? 524 GLN A OE1 1 
ATOM   501 N  NE2 . GLN A 1 73 ? -17.383 2.266   2.397   1.00 17.03 ? 524 GLN A NE2 1 
ATOM   502 N  N   . ASP A 1 74 ? -12.649 2.783   1.860   1.00 19.11 ? 525 ASP A N   1 
ATOM   503 C  CA  . ASP A 1 74 ? -11.273 2.290   1.811   1.00 19.36 ? 525 ASP A CA  1 
ATOM   504 C  C   . ASP A 1 74 ? -10.363 3.261   1.070   1.00 19.15 ? 525 ASP A C   1 
ATOM   505 O  O   . ASP A 1 74 ? -9.148  3.103   1.087   1.00 19.56 ? 525 ASP A O   1 
ATOM   506 C  CB  . ASP A 1 74 ? -11.204 0.923   1.118   1.00 19.03 ? 525 ASP A CB  1 
ATOM   507 C  CG  . ASP A 1 74 ? -11.905 -0.175  1.894   1.00 19.56 ? 525 ASP A CG  1 
ATOM   508 O  OD1 . ASP A 1 74 ? -11.722 -0.252  3.126   1.00 21.19 ? 525 ASP A OD1 1 
ATOM   509 O  OD2 . ASP A 1 74 ? -12.619 -0.985  1.263   1.00 18.48 ? 525 ASP A OD2 1 
ATOM   510 N  N   . SER A 1 75 ? -10.956 4.257   0.412   1.00 19.37 ? 526 SER A N   1 
ATOM   511 C  CA  . SER A 1 75 ? -10.188 5.247   -0.329  1.00 18.81 ? 526 SER A CA  1 
ATOM   512 C  C   . SER A 1 75 ? -9.490  6.209   0.629   1.00 19.09 ? 526 SER A C   1 
ATOM   513 O  O   . SER A 1 75 ? -9.923  6.383   1.774   1.00 19.14 ? 526 SER A O   1 
ATOM   514 C  CB  . SER A 1 75 ? -11.092 6.011   -1.306  1.00 18.85 ? 526 SER A CB  1 
ATOM   515 O  OG  . SER A 1 75 ? -11.930 6.921   -0.623  1.00 17.13 ? 526 SER A OG  1 
ATOM   516 N  N   . GLY A 1 76 ? -8.414  6.829   0.153   1.00 18.94 ? 527 GLY A N   1 
ATOM   517 C  CA  . GLY A 1 76 ? -7.662  7.810   0.936   1.00 19.15 ? 527 GLY A CA  1 
ATOM   518 C  C   . GLY A 1 76 ? -6.168  7.587   0.792   1.00 19.49 ? 527 GLY A C   1 
ATOM   519 O  O   . GLY A 1 76 ? -5.711  6.908   -0.136  1.00 19.89 ? 527 GLY A O   1 
ATOM   520 N  N   . ARG A 1 77 ? -5.403  8.124   1.732   1.00 19.21 ? 528 ARG A N   1 
ATOM   521 C  CA  . ARG A 1 77 ? -3.955  8.046   1.669   1.00 19.26 ? 528 ARG A CA  1 
ATOM   522 C  C   . ARG A 1 77 ? -3.372  6.809   2.366   1.00 19.09 ? 528 ARG A C   1 
ATOM   523 O  O   . ARG A 1 77 ? -3.656  6.540   3.540   1.00 18.76 ? 528 ARG A O   1 
ATOM   524 C  CB  . ARG A 1 77 ? -3.344  9.312   2.266   1.00 19.89 ? 528 ARG A CB  1 
ATOM   525 C  CG  . ARG A 1 77 ? -1.821  9.303   2.238   1.00 19.55 ? 528 ARG A CG  1 
ATOM   526 C  CD  . ARG A 1 77 ? -1.277  10.703  2.410   1.00 20.99 ? 528 ARG A CD  1 
ATOM   527 N  NE  . ARG A 1 77 ? -1.700  11.607  1.342   1.00 21.16 ? 528 ARG A NE  1 
ATOM   528 C  CZ  . ARG A 1 77 ? -1.091  11.725  0.165   1.00 20.49 ? 528 ARG A CZ  1 
ATOM   529 N  NH1 . ARG A 1 77 ? -0.023  10.990  -0.127  1.00 18.60 ? 528 ARG A NH1 1 
ATOM   530 N  NH2 . ARG A 1 77 ? -1.555  12.588  -0.727  1.00 19.86 ? 528 ARG A NH2 1 
ATOM   531 N  N   . TYR A 1 78 ? -2.543  6.074   1.628   1.00 19.06 ? 529 TYR A N   1 
ATOM   532 C  CA  . TYR A 1 78 ? -1.791  4.965   2.184   1.00 19.57 ? 529 TYR A CA  1 
ATOM   533 C  C   . TYR A 1 78 ? -0.302  5.275   2.131   1.00 20.13 ? 529 TYR A C   1 
ATOM   534 O  O   . TYR A 1 78 ? 0.147   6.034   1.273   1.00 20.08 ? 529 TYR A O   1 
ATOM   535 C  CB  . TYR A 1 78 ? -2.068  3.692   1.392   1.00 19.32 ? 529 TYR A CB  1 
ATOM   536 C  CG  . TYR A 1 78 ? -3.465  3.154   1.556   1.00 19.21 ? 529 TYR A CG  1 
ATOM   537 C  CD1 . TYR A 1 78 ? -3.727  2.109   2.449   1.00 19.17 ? 529 TYR A CD1 1 
ATOM   538 C  CD2 . TYR A 1 78 ? -4.525  3.662   0.798   1.00 18.63 ? 529 TYR A CD2 1 
ATOM   539 C  CE1 . TYR A 1 78 ? -5.010  1.604   2.603   1.00 18.77 ? 529 TYR A CE1 1 
ATOM   540 C  CE2 . TYR A 1 78 ? -5.805  3.165   0.940   1.00 18.59 ? 529 TYR A CE2 1 
ATOM   541 C  CZ  . TYR A 1 78 ? -6.042  2.136   1.843   1.00 18.70 ? 529 TYR A CZ  1 
ATOM   542 O  OH  . TYR A 1 78 ? -7.306  1.646   1.991   1.00 18.77 ? 529 TYR A OH  1 
ATOM   543 N  N   . SER A 1 79 ? 0.460   4.667   3.041   1.00 19.97 ? 530 SER A N   1 
ATOM   544 C  CA  . SER A 1 79 ? 1.893   4.921   3.130   1.00 20.51 ? 530 SER A CA  1 
ATOM   545 C  C   . SER A 1 79 ? 2.638   3.646   3.483   1.00 19.95 ? 530 SER A C   1 
ATOM   546 O  O   . SER A 1 79 ? 2.077   2.747   4.113   1.00 19.38 ? 530 SER A O   1 
ATOM   547 C  CB  . SER A 1 79 ? 2.188   5.980   4.187   1.00 20.40 ? 530 SER A CB  1 
ATOM   548 O  OG  . SER A 1 79 ? 1.544   7.200   3.861   1.00 24.35 ? 530 SER A OG  1 
ATOM   549 N  N   . CYS A 1 80 ? 3.901   3.583   3.068   1.00 20.00 ? 531 CYS A N   1 
ATOM   550 C  CA  . CYS A 1 80 ? 4.784   2.477   3.438   1.00 19.76 ? 531 CYS A CA  1 
ATOM   551 C  C   . CYS A 1 80 ? 6.030   3.073   4.065   1.00 19.90 ? 531 CYS A C   1 
ATOM   552 O  O   . CYS A 1 80 ? 6.512   4.128   3.628   1.00 19.35 ? 531 CYS A O   1 
ATOM   553 C  CB  . CYS A 1 80 ? 5.142   1.614   2.228   1.00 19.49 ? 531 CYS A CB  1 
ATOM   554 S  SG  . CYS A 1 80 ? 5.989   0.059   2.664   1.00 21.13 ? 531 CYS A SG  1 
ATOM   555 N  N   . SER A 1 81 ? 6.534   2.415   5.108   1.00 19.72 ? 532 SER A N   1 
ATOM   556 C  CA  . SER A 1 81 ? 7.664   2.941   5.861   1.00 19.96 ? 532 SER A CA  1 
ATOM   557 C  C   . SER A 1 81 ? 8.661   1.863   6.247   1.00 19.76 ? 532 SER A C   1 
ATOM   558 O  O   . SER A 1 81 ? 8.281   0.752   6.625   1.00 19.52 ? 532 SER A O   1 
ATOM   559 C  CB  . SER A 1 81 ? 7.178   3.662   7.118   1.00 20.49 ? 532 SER A CB  1 
ATOM   560 O  OG  . SER A 1 81 ? 6.603   2.741   8.025   1.00 22.19 ? 532 SER A OG  1 
ATOM   561 N  N   . PHE A 1 82 ? 9.941   2.200   6.137   1.00 19.48 ? 533 PHE A N   1 
ATOM   562 C  CA  . PHE A 1 82 ? 11.007  1.328   6.614   1.00 19.33 ? 533 PHE A CA  1 
ATOM   563 C  C   . PHE A 1 82 ? 12.048  2.178   7.327   1.00 19.27 ? 533 PHE A C   1 
ATOM   564 O  O   . PHE A 1 82 ? 12.637  3.088   6.731   1.00 18.86 ? 533 PHE A O   1 
ATOM   565 C  CB  . PHE A 1 82 ? 11.645  0.524   5.476   1.00 19.04 ? 533 PHE A CB  1 
ATOM   566 C  CG  . PHE A 1 82 ? 12.733  -0.407  5.940   1.00 19.63 ? 533 PHE A CG  1 
ATOM   567 C  CD1 . PHE A 1 82 ? 14.078  -0.066  5.785   1.00 19.50 ? 533 PHE A CD1 1 
ATOM   568 C  CD2 . PHE A 1 82 ? 12.417  -1.609  6.561   1.00 18.90 ? 533 PHE A CD2 1 
ATOM   569 C  CE1 . PHE A 1 82 ? 15.092  -0.923  6.229   1.00 19.25 ? 533 PHE A CE1 1 
ATOM   570 C  CE2 . PHE A 1 82 ? 13.425  -2.469  7.013   1.00 18.93 ? 533 PHE A CE2 1 
ATOM   571 C  CZ  . PHE A 1 82 ? 14.764  -2.119  6.849   1.00 18.81 ? 533 PHE A CZ  1 
ATOM   572 N  N   . GLY A 1 83 ? 12.265  1.874   8.603   1.00 19.42 ? 534 GLY A N   1 
ATOM   573 C  CA  . GLY A 1 83 ? 13.166  2.654   9.439   1.00 19.99 ? 534 GLY A CA  1 
ATOM   574 C  C   . GLY A 1 83 ? 12.688  4.090   9.460   1.00 20.26 ? 534 GLY A C   1 
ATOM   575 O  O   . GLY A 1 83 ? 11.560  4.363   9.869   1.00 20.29 ? 534 GLY A O   1 
ATOM   576 N  N   . ASP A 1 84 ? 13.534  4.993   8.971   1.00 20.47 ? 535 ASP A N   1 
ATOM   577 C  CA  . ASP A 1 84 ? 13.221  6.428   8.900   1.00 20.84 ? 535 ASP A CA  1 
ATOM   578 C  C   . ASP A 1 84 ? 12.619  6.856   7.559   1.00 20.42 ? 535 ASP A C   1 
ATOM   579 O  O   . ASP A 1 84 ? 12.197  8.000   7.396   1.00 20.46 ? 535 ASP A O   1 
ATOM   580 C  CB  . ASP A 1 84 ? 14.478  7.260   9.198   1.00 21.16 ? 535 ASP A CB  1 
ATOM   581 C  CG  . ASP A 1 84 ? 15.697  6.825   8.370   1.00 22.98 ? 535 ASP A CG  1 
ATOM   582 O  OD1 . ASP A 1 84 ? 15.649  5.775   7.680   1.00 25.13 ? 535 ASP A OD1 1 
ATOM   583 O  OD2 . ASP A 1 84 ? 16.720  7.540   8.421   1.00 24.48 ? 535 ASP A OD2 1 
ATOM   584 N  N   . GLN A 1 85 ? 12.578  5.930   6.609   1.00 20.17 ? 536 GLN A N   1 
ATOM   585 C  CA  . GLN A 1 85 ? 12.153  6.219   5.245   1.00 19.97 ? 536 GLN A CA  1 
ATOM   586 C  C   . GLN A 1 85 ? 10.669  5.931   5.046   1.00 20.07 ? 536 GLN A C   1 
ATOM   587 O  O   . GLN A 1 85 ? 10.138  4.959   5.582   1.00 20.09 ? 536 GLN A O   1 
ATOM   588 C  CB  . GLN A 1 85 ? 12.981  5.401   4.246   1.00 20.07 ? 536 GLN A CB  1 
ATOM   589 C  CG  . GLN A 1 85 ? 14.486  5.677   4.287   1.00 19.75 ? 536 GLN A CG  1 
ATOM   590 C  CD  . GLN A 1 85 ? 14.851  7.093   3.856   1.00 20.47 ? 536 GLN A CD  1 
ATOM   591 O  OE1 . GLN A 1 85 ? 15.617  7.776   4.532   1.00 21.51 ? 536 GLN A OE1 1 
ATOM   592 N  NE2 . GLN A 1 85 ? 14.305  7.538   2.732   1.00 19.98 ? 536 GLN A NE2 1 
ATOM   593 N  N   . THR A 1 86 ? 10.002  6.784   4.275   1.00 19.77 ? 537 THR A N   1 
ATOM   594 C  CA  . THR A 1 86 ? 8.583   6.603   3.994   1.00 19.98 ? 537 THR A CA  1 
ATOM   595 C  C   . THR A 1 86 ? 8.254   6.959   2.551   1.00 19.99 ? 537 THR A C   1 
ATOM   596 O  O   . THR A 1 86 ? 8.954   7.753   1.924   1.00 19.81 ? 537 THR A O   1 
ATOM   597 C  CB  . THR A 1 86 ? 7.670   7.467   4.925   1.00 20.10 ? 537 THR A CB  1 
ATOM   598 O  OG1 . THR A 1 86 ? 7.688   8.839   4.499   1.00 20.99 ? 537 THR A OG1 1 
ATOM   599 C  CG2 . THR A 1 86 ? 8.091   7.381   6.391   1.00 19.60 ? 537 THR A CG2 1 
ATOM   600 N  N   . THR A 1 87 ? 7.178   6.368   2.040   1.00 20.08 ? 538 THR A N   1 
ATOM   601 C  CA  . THR A 1 87 ? 6.596   6.751   0.756   1.00 20.33 ? 538 THR A CA  1 
ATOM   602 C  C   . THR A 1 87 ? 5.078   6.720   0.911   1.00 20.70 ? 538 THR A C   1 
ATOM   603 O  O   . THR A 1 87 ? 4.559   6.009   1.772   1.00 21.00 ? 538 THR A O   1 
ATOM   604 C  CB  . THR A 1 87 ? 7.078   5.848   -0.416  1.00 20.19 ? 538 THR A CB  1 
ATOM   605 O  OG1 . THR A 1 87 ? 6.464   6.269   -1.643  1.00 19.40 ? 538 THR A OG1 1 
ATOM   606 C  CG2 . THR A 1 87 ? 6.764   4.371   -0.159  1.00 20.43 ? 538 THR A CG2 1 
ATOM   607 N  N   . SER A 1 88 ? 4.371   7.489   0.092   1.00 20.88 ? 539 SER A N   1 
ATOM   608 C  CA  . SER A 1 88 ? 2.936   7.668   0.284   1.00 21.53 ? 539 SER A CA  1 
ATOM   609 C  C   . SER A 1 88 ? 2.218   8.024   -1.019  1.00 21.55 ? 539 SER A C   1 
ATOM   610 O  O   . SER A 1 88 ? 2.783   8.706   -1.862  1.00 21.48 ? 539 SER A O   1 
ATOM   611 C  CB  . SER A 1 88 ? 2.698   8.776   1.315   1.00 21.72 ? 539 SER A CB  1 
ATOM   612 O  OG  . SER A 1 88 ? 1.322   8.966   1.547   1.00 23.09 ? 539 SER A OG  1 
ATOM   613 N  N   . ALA A 1 89 ? 0.974   7.559   -1.165  1.00 21.38 ? 540 ALA A N   1 
ATOM   614 C  CA  . ALA A 1 89 ? 0.134   7.899   -2.318  1.00 21.72 ? 540 ALA A CA  1 
ATOM   615 C  C   . ALA A 1 89 ? -1.344  7.789   -1.937  1.00 21.62 ? 540 ALA A C   1 
ATOM   616 O  O   . ALA A 1 89 ? -1.673  7.328   -0.848  1.00 21.53 ? 540 ALA A O   1 
ATOM   617 C  CB  . ALA A 1 89 ? 0.459   6.979   -3.502  1.00 21.67 ? 540 ALA A CB  1 
ATOM   618 N  N   . THR A 1 90 ? -2.236  8.191   -2.837  1.00 21.80 ? 541 THR A N   1 
ATOM   619 C  CA  . THR A 1 90 ? -3.665  8.085   -2.563  1.00 22.51 ? 541 THR A CA  1 
ATOM   620 C  C   . THR A 1 90 ? -4.353  7.035   -3.423  1.00 22.35 ? 541 THR A C   1 
ATOM   621 O  O   . THR A 1 90 ? -3.993  6.815   -4.583  1.00 22.82 ? 541 THR A O   1 
ATOM   622 C  CB  . THR A 1 90 ? -4.411  9.423   -2.745  1.00 22.66 ? 541 THR A CB  1 
ATOM   623 O  OG1 . THR A 1 90 ? -4.243  9.884   -4.089  1.00 24.00 ? 541 THR A OG1 1 
ATOM   624 C  CG2 . THR A 1 90 ? -3.897  10.472  -1.773  1.00 23.49 ? 541 THR A CG2 1 
ATOM   625 N  N   . LEU A 1 91 ? -5.357  6.401   -2.834  1.00 21.91 ? 542 LEU A N   1 
ATOM   626 C  CA  . LEU A 1 91 ? -6.225  5.482   -3.535  1.00 21.64 ? 542 LEU A CA  1 
ATOM   627 C  C   . LEU A 1 91 ? -7.579  6.146   -3.742  1.00 21.36 ? 542 LEU A C   1 
ATOM   628 O  O   . LEU A 1 91 ? -8.215  6.568   -2.781  1.00 21.14 ? 542 LEU A O   1 
ATOM   629 C  CB  . LEU A 1 91 ? -6.378  4.196   -2.718  1.00 21.34 ? 542 LEU A CB  1 
ATOM   630 C  CG  . LEU A 1 91 ? -7.429  3.144   -3.099  1.00 21.78 ? 542 LEU A CG  1 
ATOM   631 C  CD1 . LEU A 1 91 ? -7.276  2.653   -4.539  1.00 21.64 ? 542 LEU A CD1 1 
ATOM   632 C  CD2 . LEU A 1 91 ? -7.339  1.976   -2.124  1.00 21.73 ? 542 LEU A CD2 1 
ATOM   633 N  N   . THR A 1 92 ? -8.001  6.255   -4.998  1.00 21.57 ? 543 THR A N   1 
ATOM   634 C  CA  . THR A 1 92 ? -9.322  6.790   -5.332  1.00 21.73 ? 543 THR A CA  1 
ATOM   635 C  C   . THR A 1 92 ? -10.217 5.623   -5.732  1.00 22.04 ? 543 THR A C   1 
ATOM   636 O  O   . THR A 1 92 ? -9.822  4.774   -6.534  1.00 21.91 ? 543 THR A O   1 
ATOM   637 C  CB  . THR A 1 92 ? -9.237  7.856   -6.462  1.00 21.81 ? 543 THR A CB  1 
ATOM   638 O  OG1 . THR A 1 92 ? -8.448  8.958   -6.006  1.00 21.32 ? 543 THR A OG1 1 
ATOM   639 C  CG2 . THR A 1 92 ? -10.624 8.384   -6.868  1.00 21.98 ? 543 THR A CG2 1 
ATOM   640 N  N   . VAL A 1 93 ? -11.414 5.572   -5.151  1.00 22.30 ? 544 VAL A N   1 
ATOM   641 C  CA  . VAL A 1 93 ? -12.370 4.512   -5.466  1.00 21.90 ? 544 VAL A CA  1 
ATOM   642 C  C   . VAL A 1 93 ? -13.519 5.090   -6.278  1.00 22.37 ? 544 VAL A C   1 
ATOM   643 O  O   . VAL A 1 93 ? -14.122 6.101   -5.890  1.00 22.32 ? 544 VAL A O   1 
ATOM   644 C  CB  . VAL A 1 93 ? -12.865 3.784   -4.188  1.00 21.95 ? 544 VAL A CB  1 
ATOM   645 C  CG1 . VAL A 1 93 ? -13.962 2.759   -4.524  1.00 21.58 ? 544 VAL A CG1 1 
ATOM   646 C  CG2 . VAL A 1 93 ? -11.685 3.095   -3.496  1.00 21.44 ? 544 VAL A CG2 1 
ATOM   647 N  N   . THR A 1 94 ? -13.794 4.461   -7.421  1.00 22.49 ? 545 THR A N   1 
ATOM   648 C  CA  . THR A 1 94 ? -14.847 4.913   -8.338  1.00 22.43 ? 545 THR A CA  1 
ATOM   649 C  C   . THR A 1 94 ? -16.050 3.987   -8.219  1.00 22.30 ? 545 THR A C   1 
ATOM   650 O  O   . THR A 1 94 ? -15.899 2.755   -8.218  1.00 22.02 ? 545 THR A O   1 
ATOM   651 C  CB  . THR A 1 94 ? -14.326 4.934   -9.793  1.00 22.77 ? 545 THR A CB  1 
ATOM   652 O  OG1 . THR A 1 94 ? -13.209 5.828   -9.883  1.00 23.91 ? 545 THR A OG1 1 
ATOM   653 C  CG2 . THR A 1 94 ? -15.404 5.383   -10.776 1.00 22.80 ? 545 THR A CG2 1 
ATOM   654 N  N   . ALA A 1 95 ? -17.240 4.577   -8.119  1.00 22.20 ? 546 ALA A N   1 
ATOM   655 C  CA  . ALA A 1 95 ? -18.468 3.800   -7.967  1.00 22.11 ? 546 ALA A CA  1 
ATOM   656 C  C   . ALA A 1 95 ? -18.739 2.944   -9.199  1.00 22.01 ? 546 ALA A C   1 
ATOM   657 O  O   . ALA A 1 95 ? -18.499 3.383   -10.327 1.00 22.13 ? 546 ALA A O   1 
ATOM   658 C  CB  . ALA A 1 95 ? -19.643 4.711   -7.686  1.00 21.85 ? 546 ALA A CB  1 
ATOM   659 N  N   . LEU A 1 96 ? -19.232 1.726   -8.976  1.00 21.85 ? 547 LEU A N   1 
ATOM   660 C  CA  . LEU A 1 96 ? -19.587 0.813   -10.063 1.00 21.84 ? 547 LEU A CA  1 
ATOM   661 C  C   . LEU A 1 96 ? -20.962 1.134   -10.645 1.00 21.96 ? 547 LEU A C   1 
ATOM   662 O  O   . LEU A 1 96 ? -21.914 1.339   -9.888  1.00 21.90 ? 547 LEU A O   1 
ATOM   663 C  CB  . LEU A 1 96 ? -19.576 -0.645  -9.588  1.00 21.70 ? 547 LEU A CB  1 
ATOM   664 C  CG  . LEU A 1 96 ? -18.345 -1.534  -9.787  1.00 21.83 ? 547 LEU A CG  1 
ATOM   665 C  CD1 . LEU A 1 96 ? -18.651 -2.927  -9.266  1.00 21.47 ? 547 LEU A CD1 1 
ATOM   666 C  CD2 . LEU A 1 96 ? -17.912 -1.603  -11.246 1.00 21.80 ? 547 LEU A CD2 1 
ATOM   667 N  N   . PRO A 1 97 ? -21.069 1.175   -11.990 1.00 22.09 ? 548 PRO A N   1 
ATOM   668 C  CA  . PRO A 1 97 ? -22.358 1.322   -12.671 1.00 22.16 ? 548 PRO A CA  1 
ATOM   669 C  C   . PRO A 1 97 ? -23.284 0.135   -12.421 1.00 22.40 ? 548 PRO A C   1 
ATOM   670 O  O   . PRO A 1 97 ? -24.138 0.202   -11.537 1.00 22.64 ? 548 PRO A O   1 
ATOM   671 C  CB  . PRO A 1 97 ? -21.973 1.387   -14.153 1.00 22.15 ? 548 PRO A CB  1 
ATOM   672 C  CG  . PRO A 1 97 ? -20.620 0.770   -14.232 1.00 22.23 ? 548 PRO A CG  1 
ATOM   673 C  CD  . PRO A 1 97 ? -19.949 1.119   -12.948 1.00 22.00 ? 548 PRO A CD  1 
HETATM 674 O  O   . HOH B 2 .  ? 1.277   6.558   12.160  1.00 25.98 ? 1   HOH A O   1 
HETATM 675 O  O   . HOH B 2 .  ? 1.776   -2.656  8.451   1.00 28.29 ? 2   HOH A O   1 
HETATM 676 O  O   . HOH B 2 .  ? -5.772  8.432   -6.252  1.00 27.42 ? 3   HOH A O   1 
HETATM 677 O  O   . HOH B 2 .  ? 4.569   -5.489  2.080   1.00 27.05 ? 4   HOH A O   1 
HETATM 678 O  O   . HOH B 2 .  ? -5.653  -3.079  10.121  1.00 34.42 ? 5   HOH A O   1 
HETATM 679 O  O   . HOH B 2 .  ? 3.833   3.464   6.940   1.00 40.82 ? 6   HOH A O   1 
HETATM 680 O  O   . HOH B 2 .  ? -18.625 6.124   -11.193 1.00 34.62 ? 7   HOH A O   1 
HETATM 681 O  O   . HOH B 2 .  ? 13.165  6.654   0.749   1.00 30.50 ? 8   HOH A O   1 
HETATM 682 O  O   . HOH B 2 .  ? -16.873 6.414   -4.908  1.00 23.98 ? 9   HOH A O   1 
HETATM 683 O  O   . HOH B 2 .  ? 9.705   6.505   -7.720  1.00 37.39 ? 10  HOH A O   1 
HETATM 684 O  O   . HOH B 2 .  ? 4.756   9.136   -4.015  1.00 42.62 ? 11  HOH A O   1 
HETATM 685 O  O   . HOH B 2 .  ? -12.008 4.872   6.342   1.00 33.05 ? 12  HOH A O   1 
HETATM 686 O  O   . HOH B 2 .  ? -2.048  -8.610  -6.343  1.00 46.62 ? 13  HOH A O   1 
HETATM 687 O  O   . HOH B 2 .  ? -6.784  -6.742  7.273   1.00 34.87 ? 14  HOH A O   1 
HETATM 688 O  O   . HOH B 2 .  ? 6.571   9.230   -1.745  1.00 29.67 ? 15  HOH A O   1 
HETATM 689 O  O   . HOH B 2 .  ? -1.624  2.361   14.470  1.00 25.31 ? 16  HOH A O   1 
HETATM 690 O  O   . HOH B 2 .  ? 19.606  -7.011  -1.861  1.00 35.61 ? 17  HOH A O   1 
HETATM 691 O  O   . HOH B 2 .  ? 2.454   8.235   10.419  1.00 45.79 ? 18  HOH A O   1 
HETATM 692 O  O   . HOH B 2 .  ? -3.316  0.356   13.892  1.00 31.74 ? 19  HOH A O   1 
HETATM 693 O  O   . HOH B 2 .  ? -0.673  7.121   5.278   1.00 25.12 ? 20  HOH A O   1 
HETATM 694 O  O   . HOH B 2 .  ? -5.546  8.096   10.529  1.00 44.01 ? 21  HOH A O   1 
HETATM 695 O  O   . HOH B 2 .  ? -9.408  -7.248  8.659   1.00 50.42 ? 22  HOH A O   1 
HETATM 696 O  O   . HOH B 2 .  ? -3.489  -11.244 4.812   1.00 47.99 ? 23  HOH A O   1 
HETATM 697 O  O   . HOH B 2 .  ? 6.391   10.583  2.193   1.00 38.71 ? 24  HOH A O   1 
HETATM 698 O  O   . HOH B 2 .  ? 1.567   9.274   -7.879  1.00 38.81 ? 25  HOH A O   1 
HETATM 699 O  O   . HOH B 2 .  ? -11.165 -8.365  -3.432  1.00 51.85 ? 26  HOH A O   1 
HETATM 700 O  O   . HOH B 2 .  ? -9.291  -9.762  -7.593  1.00 48.96 ? 27  HOH A O   1 
HETATM 701 O  O   . HOH B 2 .  ? -7.450  -0.520  14.579  1.00 57.54 ? 28  HOH A O   1 
HETATM 702 O  O   . HOH B 2 .  ? 5.374   -8.019  -3.837  1.00 39.24 ? 29  HOH A O   1 
HETATM 703 O  O   . HOH B 2 .  ? 5.898   2.134   -7.770  1.00 34.59 ? 30  HOH A O   1 
HETATM 704 O  O   . HOH B 2 .  ? 1.730   7.565   7.506   1.00 43.86 ? 31  HOH A O   1 
HETATM 705 O  O   . HOH B 2 .  ? 14.619  1.923   -10.187 1.00 33.47 ? 32  HOH A O   1 
HETATM 706 O  O   . HOH B 2 .  ? 5.620   7.100   -8.949  1.00 52.59 ? 33  HOH A O   1 
HETATM 707 O  O   . HOH B 2 .  ? -10.208 -0.808  -11.605 1.00 45.55 ? 34  HOH A O   1 
HETATM 708 O  O   . HOH B 2 .  ? -5.884  -10.898 -2.493  1.00 48.93 ? 35  HOH A O   1 
HETATM 709 O  O   . HOH B 2 .  ? -1.951  -5.854  18.511  1.00 54.21 ? 36  HOH A O   1 
HETATM 710 O  O   . HOH B 2 .  ? -4.583  -12.928 -3.937  1.00 59.49 ? 37  HOH A O   1 
HETATM 711 O  O   . HOH B 2 .  ? 5.949   -5.485  -7.228  1.00 55.83 ? 38  HOH A O   1 
HETATM 712 O  O   . HOH B 2 .  ? -15.486 -4.302  -9.478  1.00 44.78 ? 39  HOH A O   1 
# 
